data_2VSN
#
_entry.id   2VSN
#
_cell.length_a   86.691
_cell.length_b   105.692
_cell.length_c   151.036
_cell.angle_alpha   90.00
_cell.angle_beta   90.00
_cell.angle_gamma   90.00
#
_symmetry.space_group_name_H-M   'P 21 21 21'
#
loop_
_entity.id
_entity.type
_entity.pdbx_description
1 polymer XCOGT
2 non-polymer "URIDINE-5'-DIPHOSPHATE"
3 water water
#
_entity_poly.entity_id   1
_entity_poly.type   'polypeptide(L)'
_entity_poly.pdbx_seq_one_letter_code
;MTADGPRELLQLRAAVRHRPQDFVAWLMLADAELGMGDTTAGEMAVQRGLALHPGHPEAVARLGRVRWTQQRHAEAAVLL
QQASDAAPEHPGIALWLGHALEDAGQAEAAAAAYTRAHQLLPEEPYITAQLLNWRRRLCDWRALDVLSAQVRAAVAQGVG
AVEPFAFLSEDASAAEQLACARTRAQAIAASVRPLAPTRVRSKGPLRVGFVSNGFGAHPTGLLTVALFEALQRRQPDLQM
HLFATSGDDGSTLRTRLAQASTLHDVTALGHLATAKHIRHHGIDLLFDLAGWGGGGRPEVFALRPAPVQVNWLAYPGTSG
APWMDYVLGDAFALPPALEPFYSEHVLRLQGAFQPSDTSRVVAEPPSRTQCGLPEQGVVLCCFNNSYKLNPQSMARMLAV
LREVPDSVLWLLSGPGEADARLRAFAHAQGVDAQRLVFMPKLPHPQYLARYRHADLFLDTHPYNAHTTASDALWTGCPVL
TTPGETFAARVAGSLNHHLGLDEMNVADDAAFVAKAVALASDPAALTALHARVDVLRRASGVFHMDGFADDFGALLQALA
RRHGWLGI
;
_entity_poly.pdbx_strand_id   A,B
#
loop_
_chem_comp.id
_chem_comp.type
_chem_comp.name
_chem_comp.formula
UDP RNA linking URIDINE-5'-DIPHOSPHATE 'C9 H14 N2 O12 P2'
#
# COMPACT_ATOMS: atom_id res chain seq x y z
N ALA A 25 18.18 -27.10 31.87
CA ALA A 25 17.56 -27.35 33.20
C ALA A 25 17.39 -26.05 33.98
N TRP A 26 18.42 -25.67 34.72
CA TRP A 26 18.39 -24.43 35.51
C TRP A 26 18.23 -23.19 34.61
N LEU A 27 18.34 -23.39 33.30
CA LEU A 27 18.26 -22.30 32.32
C LEU A 27 17.04 -21.40 32.35
N MET A 28 15.85 -21.99 32.29
CA MET A 28 14.61 -21.22 32.30
C MET A 28 14.60 -20.06 33.30
N LEU A 29 15.37 -20.19 34.38
CA LEU A 29 15.47 -19.15 35.41
C LEU A 29 16.13 -17.90 34.82
N ALA A 30 17.33 -18.09 34.30
CA ALA A 30 18.12 -17.02 33.70
C ALA A 30 17.31 -16.10 32.79
N ASP A 31 16.60 -16.69 31.85
CA ASP A 31 15.78 -15.92 30.90
C ASP A 31 14.87 -14.90 31.56
N ALA A 32 14.00 -15.36 32.46
CA ALA A 32 13.06 -14.50 33.15
C ALA A 32 13.66 -13.22 33.75
N GLU A 33 14.89 -13.31 34.23
CA GLU A 33 15.55 -12.15 34.84
C GLU A 33 15.61 -10.94 33.91
N LEU A 34 15.69 -11.18 32.60
CA LEU A 34 15.73 -10.09 31.62
C LEU A 34 14.55 -9.13 31.84
N GLY A 35 13.44 -9.66 32.34
CA GLY A 35 12.26 -8.85 32.57
C GLY A 35 11.94 -8.20 33.90
N ASP A 38 16.92 -9.33 36.80
CA ASP A 38 18.22 -8.93 37.33
C ASP A 38 19.34 -9.35 36.38
N THR A 39 20.04 -8.36 35.84
CA THR A 39 21.14 -8.57 34.88
C THR A 39 22.27 -9.50 35.35
N THR A 40 22.70 -9.38 36.60
CA THR A 40 23.77 -10.23 37.09
C THR A 40 23.25 -11.49 37.76
N ALA A 41 21.98 -11.46 38.17
CA ALA A 41 21.37 -12.62 38.79
C ALA A 41 21.09 -13.61 37.68
N GLY A 42 20.87 -13.07 36.48
CA GLY A 42 20.61 -13.91 35.32
C GLY A 42 21.85 -14.67 34.92
N GLU A 43 22.95 -13.93 34.78
CA GLU A 43 24.24 -14.50 34.41
C GLU A 43 24.60 -15.58 35.43
N MET A 44 24.21 -15.33 36.68
CA MET A 44 24.46 -16.28 37.76
C MET A 44 23.81 -17.62 37.39
N ALA A 45 22.59 -17.55 36.90
CA ALA A 45 21.86 -18.75 36.51
C ALA A 45 22.54 -19.45 35.35
N VAL A 46 22.80 -18.69 34.29
CA VAL A 46 23.43 -19.22 33.09
C VAL A 46 24.72 -19.97 33.40
N GLN A 47 25.20 -19.87 34.64
CA GLN A 47 26.40 -20.59 35.02
C GLN A 47 25.97 -22.05 35.06
N ARG A 48 26.34 -22.81 34.03
CA ARG A 48 25.98 -24.22 33.95
C ARG A 48 26.68 -24.88 32.77
N PRO A 57 26.50 -25.33 23.67
CA PRO A 57 25.17 -25.34 24.29
C PRO A 57 24.30 -24.16 23.92
N GLU A 58 23.08 -24.17 24.47
CA GLU A 58 22.11 -23.09 24.32
C GLU A 58 22.43 -22.29 25.56
N ALA A 59 23.59 -22.57 26.14
CA ALA A 59 24.02 -21.89 27.35
C ALA A 59 25.13 -20.96 26.89
N VAL A 60 26.05 -21.47 26.06
CA VAL A 60 27.09 -20.60 25.54
C VAL A 60 26.31 -19.40 25.00
N ALA A 61 25.26 -19.70 24.23
CA ALA A 61 24.42 -18.68 23.62
C ALA A 61 23.79 -17.70 24.61
N ARG A 62 23.22 -18.22 25.69
CA ARG A 62 22.57 -17.36 26.69
C ARG A 62 23.57 -16.45 27.38
N LEU A 63 24.73 -17.00 27.72
CA LEU A 63 25.78 -16.21 28.36
C LEU A 63 26.14 -15.13 27.35
N GLY A 64 26.23 -15.51 26.09
CA GLY A 64 26.54 -14.56 25.05
C GLY A 64 25.51 -13.43 25.04
N ARG A 65 24.24 -13.79 25.18
CA ARG A 65 23.15 -12.82 25.18
C ARG A 65 23.19 -11.94 26.42
N VAL A 66 23.70 -12.49 27.51
CA VAL A 66 23.80 -11.72 28.76
C VAL A 66 24.75 -10.56 28.52
N ARG A 67 25.93 -10.89 27.99
CA ARG A 67 26.95 -9.88 27.69
C ARG A 67 26.39 -8.81 26.77
N TRP A 68 25.65 -9.21 25.75
CA TRP A 68 25.07 -8.27 24.81
C TRP A 68 24.18 -7.28 25.54
N THR A 69 23.55 -7.74 26.61
CA THR A 69 22.67 -6.88 27.41
C THR A 69 23.55 -5.91 28.19
N GLN A 70 24.72 -6.39 28.58
CA GLN A 70 25.68 -5.60 29.34
C GLN A 70 26.57 -4.75 28.42
N GLN A 71 26.07 -4.45 27.23
CA GLN A 71 26.80 -3.65 26.25
C GLN A 71 28.19 -4.17 25.94
N ARG A 72 28.56 -5.31 26.52
CA ARG A 72 29.86 -5.90 26.29
C ARG A 72 29.84 -6.66 24.96
N HIS A 73 29.40 -5.97 23.91
CA HIS A 73 29.26 -6.52 22.57
C HIS A 73 30.40 -7.37 22.04
N ALA A 74 31.63 -6.92 22.23
CA ALA A 74 32.80 -7.66 21.76
C ALA A 74 32.75 -9.11 22.22
N GLU A 75 32.63 -9.29 23.53
CA GLU A 75 32.57 -10.62 24.11
C GLU A 75 31.35 -11.41 23.65
N ALA A 76 30.17 -10.80 23.76
CA ALA A 76 28.92 -11.45 23.35
C ALA A 76 29.03 -12.05 21.95
N ALA A 77 29.75 -11.38 21.07
CA ALA A 77 29.90 -11.87 19.71
C ALA A 77 30.81 -13.09 19.69
N VAL A 78 31.83 -13.11 20.54
CA VAL A 78 32.75 -14.24 20.61
C VAL A 78 32.01 -15.48 21.11
N LEU A 79 31.16 -15.29 22.13
CA LEU A 79 30.36 -16.38 22.69
C LEU A 79 29.34 -16.94 21.69
N LEU A 80 28.48 -16.06 21.16
CA LEU A 80 27.47 -16.47 20.19
C LEU A 80 28.11 -17.01 18.93
N GLN A 81 29.31 -16.54 18.63
CA GLN A 81 30.01 -17.02 17.44
C GLN A 81 30.36 -18.48 17.68
N GLN A 82 30.64 -18.79 18.94
CA GLN A 82 30.99 -20.15 19.33
C GLN A 82 29.76 -21.03 19.25
N ALA A 83 28.70 -20.63 19.99
CA ALA A 83 27.43 -21.36 20.03
C ALA A 83 26.83 -21.57 18.64
N SER A 84 27.16 -20.68 17.71
CA SER A 84 26.65 -20.80 16.36
C SER A 84 27.37 -21.89 15.57
N ASP A 85 28.64 -22.13 15.87
CA ASP A 85 29.40 -23.16 15.18
C ASP A 85 28.97 -24.53 15.70
N ALA A 86 28.55 -24.54 16.97
CA ALA A 86 28.09 -25.75 17.64
C ALA A 86 26.65 -26.08 17.24
N ALA A 87 26.06 -25.21 16.43
CA ALA A 87 24.70 -25.36 15.94
C ALA A 87 24.53 -24.36 14.81
N PRO A 88 25.12 -24.67 13.64
CA PRO A 88 25.04 -23.79 12.47
C PRO A 88 23.69 -23.82 11.77
N GLU A 89 22.69 -24.36 12.46
CA GLU A 89 21.36 -24.45 11.90
C GLU A 89 20.33 -24.35 12.99
N HIS A 90 20.52 -23.33 13.81
CA HIS A 90 19.64 -23.02 14.92
C HIS A 90 19.46 -21.51 14.75
N PRO A 91 18.31 -21.09 14.22
CA PRO A 91 18.02 -19.67 14.00
C PRO A 91 17.94 -18.76 15.24
N GLY A 92 17.56 -19.32 16.38
CA GLY A 92 17.49 -18.54 17.59
C GLY A 92 18.88 -17.99 17.90
N ILE A 93 19.89 -18.85 17.71
CA ILE A 93 21.28 -18.49 17.93
C ILE A 93 21.83 -17.58 16.83
N ALA A 94 21.51 -17.86 15.57
CA ALA A 94 21.99 -17.05 14.46
C ALA A 94 21.50 -15.60 14.54
N LEU A 95 20.26 -15.41 14.97
CA LEU A 95 19.71 -14.06 15.10
C LEU A 95 20.45 -13.34 16.22
N TRP A 96 20.52 -13.97 17.39
CA TRP A 96 21.21 -13.40 18.55
C TRP A 96 22.68 -13.05 18.27
N LEU A 97 23.32 -13.88 17.46
CA LEU A 97 24.71 -13.66 17.10
C LEU A 97 24.78 -12.47 16.16
N GLY A 98 23.76 -12.31 15.32
CA GLY A 98 23.70 -11.20 14.39
C GLY A 98 23.62 -9.86 15.10
N HIS A 99 22.74 -9.76 16.09
CA HIS A 99 22.59 -8.55 16.87
C HIS A 99 23.93 -8.16 17.47
N ALA A 100 24.60 -9.14 18.10
CA ALA A 100 25.89 -8.89 18.74
C ALA A 100 26.93 -8.39 17.76
N LEU A 101 27.05 -9.06 16.62
CA LEU A 101 28.02 -8.67 15.60
C LEU A 101 27.78 -7.25 15.12
N GLU A 102 26.51 -6.91 14.96
CA GLU A 102 26.11 -5.57 14.52
C GLU A 102 26.54 -4.55 15.56
N ASP A 103 26.10 -4.76 16.80
CA ASP A 103 26.42 -3.87 17.91
C ASP A 103 27.90 -3.91 18.28
N ALA A 104 28.68 -4.68 17.53
CA ALA A 104 30.12 -4.79 17.77
C ALA A 104 30.84 -4.20 16.56
N GLY A 105 30.07 -3.50 15.73
CA GLY A 105 30.61 -2.85 14.56
C GLY A 105 31.00 -3.73 13.39
N GLN A 106 30.78 -5.03 13.50
CA GLN A 106 31.12 -5.94 12.41
C GLN A 106 29.88 -6.11 11.54
N ALA A 107 29.62 -5.08 10.73
CA ALA A 107 28.44 -5.03 9.87
C ALA A 107 28.26 -6.13 8.85
N GLU A 108 29.27 -6.31 8.01
CA GLU A 108 29.23 -7.32 6.95
C GLU A 108 28.97 -8.72 7.49
N ALA A 109 29.72 -9.12 8.51
CA ALA A 109 29.54 -10.44 9.11
C ALA A 109 28.15 -10.53 9.71
N ALA A 110 27.74 -9.49 10.43
CA ALA A 110 26.43 -9.46 11.06
C ALA A 110 25.36 -9.75 10.03
N ALA A 111 25.62 -9.36 8.79
CA ALA A 111 24.67 -9.58 7.70
C ALA A 111 24.44 -11.07 7.51
N ALA A 112 25.51 -11.79 7.17
CA ALA A 112 25.44 -13.24 6.97
C ALA A 112 24.66 -13.91 8.10
N ALA A 113 24.81 -13.37 9.30
CA ALA A 113 24.12 -13.91 10.47
C ALA A 113 22.60 -13.85 10.27
N TYR A 114 22.08 -12.70 9.84
CA TYR A 114 20.65 -12.55 9.61
C TYR A 114 20.20 -13.31 8.37
N THR A 115 21.03 -13.30 7.32
CA THR A 115 20.68 -13.99 6.09
C THR A 115 20.62 -15.49 6.36
N ARG A 116 21.20 -15.92 7.48
CA ARG A 116 21.17 -17.34 7.84
C ARG A 116 19.95 -17.62 8.71
N ALA A 117 19.68 -16.72 9.66
CA ALA A 117 18.53 -16.91 10.52
C ALA A 117 17.27 -16.79 9.66
N HIS A 118 17.47 -16.42 8.39
CA HIS A 118 16.35 -16.28 7.46
C HIS A 118 16.13 -17.60 6.74
N GLN A 119 17.21 -18.29 6.38
CA GLN A 119 17.14 -19.57 5.70
C GLN A 119 16.46 -20.60 6.59
N LEU A 120 16.90 -20.63 7.85
CA LEU A 120 16.38 -21.58 8.83
C LEU A 120 14.99 -21.27 9.39
N LEU A 121 14.41 -20.14 9.02
CA LEU A 121 13.09 -19.78 9.50
C LEU A 121 12.55 -18.73 8.54
N PRO A 122 12.31 -19.14 7.29
CA PRO A 122 11.82 -18.34 6.16
C PRO A 122 10.49 -17.62 6.33
N GLU A 123 9.63 -18.17 7.18
CA GLU A 123 8.30 -17.58 7.40
C GLU A 123 8.18 -16.62 8.59
N GLU A 124 9.24 -16.51 9.40
CA GLU A 124 9.23 -15.61 10.55
C GLU A 124 9.50 -14.21 9.99
N PRO A 125 8.49 -13.30 10.03
CA PRO A 125 8.62 -11.94 9.51
C PRO A 125 9.52 -11.04 10.31
N TYR A 126 9.59 -11.26 11.63
CA TYR A 126 10.44 -10.45 12.48
C TYR A 126 11.89 -10.51 12.00
N ILE A 127 12.32 -11.71 11.61
CA ILE A 127 13.68 -11.93 11.10
C ILE A 127 13.83 -11.34 9.71
N THR A 128 12.79 -11.49 8.89
CA THR A 128 12.84 -10.95 7.53
C THR A 128 12.97 -9.42 7.61
N ALA A 129 12.16 -8.79 8.46
CA ALA A 129 12.23 -7.34 8.63
C ALA A 129 13.66 -6.89 8.90
N GLN A 130 14.28 -7.46 9.93
CA GLN A 130 15.65 -7.10 10.27
C GLN A 130 16.65 -7.38 9.15
N LEU A 131 16.50 -8.52 8.48
CA LEU A 131 17.40 -8.84 7.39
C LEU A 131 17.30 -7.76 6.31
N LEU A 132 16.06 -7.43 5.93
CA LEU A 132 15.83 -6.43 4.90
C LEU A 132 16.46 -5.10 5.22
N ASN A 133 16.26 -4.62 6.45
CA ASN A 133 16.80 -3.33 6.86
C ASN A 133 18.33 -3.26 6.77
N TRP A 134 19.00 -4.32 7.20
CA TRP A 134 20.45 -4.36 7.17
C TRP A 134 20.99 -4.47 5.74
N ARG A 135 20.24 -5.13 4.86
CA ARG A 135 20.67 -5.26 3.48
C ARG A 135 20.66 -3.90 2.80
N ARG A 136 19.62 -3.12 3.09
CA ARG A 136 19.49 -1.79 2.51
C ARG A 136 20.66 -0.92 2.93
N ARG A 137 20.96 -0.95 4.22
CA ARG A 137 22.06 -0.17 4.77
C ARG A 137 23.39 -0.55 4.14
N LEU A 138 23.48 -1.78 3.65
CA LEU A 138 24.71 -2.26 3.01
C LEU A 138 24.61 -2.24 1.49
N CYS A 139 23.45 -1.83 0.98
CA CYS A 139 23.18 -1.76 -0.45
C CYS A 139 23.30 -3.13 -1.10
N ASP A 140 22.86 -4.15 -0.37
CA ASP A 140 22.87 -5.54 -0.82
C ASP A 140 21.44 -5.70 -1.32
N TRP A 141 21.25 -5.67 -2.64
CA TRP A 141 19.89 -5.77 -3.16
C TRP A 141 19.47 -7.15 -3.66
N ARG A 142 20.09 -8.20 -3.13
CA ARG A 142 19.74 -9.54 -3.53
C ARG A 142 18.35 -9.91 -2.99
N ALA A 143 17.45 -10.30 -3.91
CA ALA A 143 16.08 -10.67 -3.55
C ALA A 143 15.38 -9.52 -2.86
N LEU A 144 15.77 -8.31 -3.22
CA LEU A 144 15.20 -7.12 -2.61
C LEU A 144 13.68 -7.06 -2.70
N ASP A 145 13.15 -7.18 -3.92
CA ASP A 145 11.72 -7.12 -4.10
C ASP A 145 10.95 -8.18 -3.30
N VAL A 146 11.53 -9.37 -3.16
CA VAL A 146 10.84 -10.42 -2.39
C VAL A 146 10.82 -10.13 -0.89
N LEU A 147 11.94 -9.66 -0.34
CA LEU A 147 12.01 -9.36 1.08
C LEU A 147 11.05 -8.20 1.37
N SER A 148 11.11 -7.18 0.52
CA SER A 148 10.26 -6.01 0.65
C SER A 148 8.80 -6.43 0.68
N ALA A 149 8.41 -7.32 -0.22
CA ALA A 149 7.03 -7.79 -0.28
C ALA A 149 6.63 -8.49 1.01
N GLN A 150 7.49 -9.38 1.50
CA GLN A 150 7.20 -10.10 2.74
C GLN A 150 6.94 -9.12 3.87
N VAL A 151 7.82 -8.13 4.00
CA VAL A 151 7.70 -7.14 5.06
C VAL A 151 6.44 -6.30 4.95
N ARG A 152 6.13 -5.82 3.75
CA ARG A 152 4.93 -5.02 3.55
C ARG A 152 3.75 -5.89 3.88
N ALA A 153 3.83 -7.15 3.43
CA ALA A 153 2.76 -8.11 3.68
C ALA A 153 2.63 -8.29 5.18
N ALA A 154 3.76 -8.43 5.88
CA ALA A 154 3.76 -8.60 7.33
C ALA A 154 3.03 -7.44 8.01
N VAL A 155 3.29 -6.24 7.50
CA VAL A 155 2.69 -5.01 8.02
C VAL A 155 1.17 -5.06 7.88
N ALA A 156 0.71 -5.61 6.76
CA ALA A 156 -0.72 -5.73 6.46
C ALA A 156 -1.43 -6.75 7.36
N GLN A 157 -0.71 -7.80 7.74
CA GLN A 157 -1.28 -8.81 8.62
C GLN A 157 -1.17 -8.34 10.05
N GLY A 158 -0.45 -7.24 10.25
CA GLY A 158 -0.28 -6.67 11.57
C GLY A 158 0.69 -7.45 12.43
N VAL A 159 1.43 -8.36 11.81
CA VAL A 159 2.38 -9.18 12.54
C VAL A 159 3.79 -8.74 12.16
N GLY A 160 4.79 -9.53 12.53
CA GLY A 160 6.17 -9.21 12.19
C GLY A 160 6.83 -8.09 12.98
N ALA A 161 6.03 -7.24 13.63
CA ALA A 161 6.54 -6.14 14.42
C ALA A 161 7.70 -5.44 13.72
N VAL A 162 7.45 -4.99 12.49
CA VAL A 162 8.46 -4.27 11.73
C VAL A 162 8.57 -2.84 12.26
N GLU A 163 9.77 -2.28 12.16
CA GLU A 163 10.05 -0.93 12.65
C GLU A 163 9.58 0.18 11.72
N PRO A 164 8.73 1.08 12.23
CA PRO A 164 8.19 2.20 11.43
C PRO A 164 9.27 3.01 10.70
N PHE A 165 10.38 3.28 11.38
CA PHE A 165 11.43 4.06 10.76
C PHE A 165 12.08 3.28 9.63
N ALA A 166 12.22 1.97 9.82
CA ALA A 166 12.83 1.12 8.80
C ALA A 166 11.91 1.04 7.58
N PHE A 167 10.61 1.01 7.83
CA PHE A 167 9.61 0.90 6.77
C PHE A 167 9.62 2.12 5.83
N LEU A 168 10.17 3.23 6.30
CA LEU A 168 10.23 4.44 5.49
C LEU A 168 11.09 4.25 4.26
N SER A 169 11.94 3.24 4.29
CA SER A 169 12.84 2.97 3.17
C SER A 169 12.17 2.11 2.11
N GLU A 170 10.97 1.60 2.43
CA GLU A 170 10.22 0.75 1.50
C GLU A 170 9.30 1.56 0.59
N ASP A 171 8.92 0.94 -0.52
CA ASP A 171 8.03 1.56 -1.49
C ASP A 171 6.56 1.40 -1.12
N ALA A 172 6.26 1.60 0.15
CA ALA A 172 4.92 1.48 0.68
C ALA A 172 4.20 2.82 0.60
N SER A 173 2.88 2.80 0.56
CA SER A 173 2.07 4.03 0.48
C SER A 173 1.88 4.61 1.86
N ALA A 174 1.26 5.79 1.92
CA ALA A 174 0.98 6.45 3.19
C ALA A 174 0.03 5.56 3.99
N ALA A 175 -0.80 4.78 3.30
CA ALA A 175 -1.72 3.87 3.96
C ALA A 175 -0.95 2.78 4.72
N GLU A 176 0.01 2.15 4.04
CA GLU A 176 0.81 1.11 4.66
C GLU A 176 1.57 1.65 5.85
N GLN A 177 2.14 2.85 5.70
CA GLN A 177 2.89 3.45 6.80
C GLN A 177 2.03 3.66 8.04
N LEU A 178 0.80 4.14 7.84
CA LEU A 178 -0.12 4.36 8.95
C LEU A 178 -0.37 3.05 9.69
N ALA A 179 -0.58 1.98 8.94
CA ALA A 179 -0.84 0.67 9.55
C ALA A 179 0.36 0.24 10.39
N CYS A 180 1.55 0.36 9.80
CA CYS A 180 2.79 -0.01 10.47
C CYS A 180 2.95 0.68 11.82
N ALA A 181 2.74 1.99 11.80
CA ALA A 181 2.85 2.82 13.01
C ALA A 181 1.83 2.48 14.11
N ARG A 182 0.56 2.42 13.75
CA ARG A 182 -0.53 2.09 14.68
C ARG A 182 -0.25 0.80 15.41
N THR A 183 0.19 -0.19 14.66
CA THR A 183 0.47 -1.48 15.23
C THR A 183 1.48 -1.36 16.36
N ARG A 184 2.58 -0.65 16.12
CA ARG A 184 3.59 -0.47 17.16
C ARG A 184 3.02 0.35 18.30
N ALA A 185 2.29 1.40 17.95
CA ALA A 185 1.71 2.27 18.96
C ALA A 185 0.73 1.54 19.87
N GLN A 186 -0.19 0.79 19.28
CA GLN A 186 -1.19 0.03 20.02
C GLN A 186 -0.62 -1.00 20.99
N ALA A 187 0.53 -1.57 20.65
CA ALA A 187 1.16 -2.55 21.53
C ALA A 187 1.69 -1.79 22.75
N ILE A 188 2.42 -0.71 22.47
CA ILE A 188 3.00 0.11 23.52
C ILE A 188 1.90 0.64 24.40
N ALA A 189 0.84 1.12 23.77
CA ALA A 189 -0.31 1.67 24.47
C ALA A 189 -0.93 0.66 25.44
N ALA A 190 -0.88 -0.61 25.06
CA ALA A 190 -1.43 -1.68 25.87
C ALA A 190 -0.66 -1.89 27.17
N SER A 191 0.67 -1.93 27.06
CA SER A 191 1.54 -2.17 28.21
C SER A 191 1.78 -0.97 29.13
N VAL A 192 0.99 0.09 28.99
CA VAL A 192 1.24 1.26 29.82
C VAL A 192 0.02 1.95 30.38
N ARG A 193 0.12 2.36 31.65
CA ARG A 193 -0.96 3.05 32.33
C ARG A 193 -0.60 4.54 32.45
N PRO A 194 -1.30 5.41 31.68
CA PRO A 194 -1.10 6.85 31.65
C PRO A 194 -1.15 7.52 33.00
N LEU A 195 -0.35 8.56 33.16
CA LEU A 195 -0.31 9.33 34.41
C LEU A 195 -1.67 9.98 34.61
N ALA A 196 -1.83 10.66 35.75
CA ALA A 196 -3.07 11.35 36.05
C ALA A 196 -3.20 12.45 35.00
N PRO A 197 -4.43 12.66 34.49
CA PRO A 197 -4.67 13.68 33.47
C PRO A 197 -4.55 15.11 34.00
N THR A 198 -4.05 16.02 33.15
CA THR A 198 -3.92 17.44 33.53
C THR A 198 -4.38 18.30 32.35
N ARG A 199 -4.22 19.61 32.45
CA ARG A 199 -4.63 20.53 31.39
C ARG A 199 -3.62 21.66 31.15
N VAL A 200 -3.81 22.39 30.05
CA VAL A 200 -2.94 23.52 29.78
C VAL A 200 -3.28 24.49 30.89
N ARG A 201 -2.30 25.25 31.36
CA ARG A 201 -2.50 26.17 32.49
C ARG A 201 -3.58 27.28 32.49
N SER A 202 -3.80 27.95 31.36
CA SER A 202 -4.77 29.07 31.31
C SER A 202 -4.23 30.29 32.07
N LYS A 203 -3.07 30.14 32.69
CA LYS A 203 -2.41 31.20 33.45
C LYS A 203 -1.24 31.84 32.70
N GLY A 204 -0.45 31.03 31.99
CA GLY A 204 0.69 31.53 31.24
C GLY A 204 1.72 32.03 32.22
N PRO A 205 3.01 32.09 31.88
CA PRO A 205 3.66 31.73 30.62
C PRO A 205 3.43 30.28 30.24
N LEU A 206 3.47 30.02 28.94
CA LEU A 206 3.27 28.69 28.40
C LEU A 206 4.59 27.93 28.46
N ARG A 207 4.54 26.68 28.90
CA ARG A 207 5.76 25.90 29.00
C ARG A 207 5.74 24.84 27.93
N VAL A 208 6.64 24.96 26.97
CA VAL A 208 6.72 24.03 25.86
C VAL A 208 7.95 23.13 26.04
N GLY A 209 7.74 21.82 25.97
CA GLY A 209 8.83 20.89 26.12
C GLY A 209 9.15 20.14 24.85
N PHE A 210 10.41 19.74 24.72
CA PHE A 210 10.91 19.00 23.56
C PHE A 210 11.75 17.81 24.02
N VAL A 211 11.40 16.61 23.59
CA VAL A 211 12.14 15.42 23.97
C VAL A 211 12.91 14.88 22.78
N SER A 212 14.23 14.73 22.92
CA SER A 212 15.05 14.20 21.83
C SER A 212 16.35 13.57 22.36
N ASN A 213 16.97 12.74 21.54
CA ASN A 213 18.23 12.10 21.88
C ASN A 213 19.23 12.75 20.93
N GLY A 214 18.72 13.71 20.16
CA GLY A 214 19.54 14.38 19.18
C GLY A 214 20.00 15.79 19.47
N PHE A 215 19.97 16.21 20.73
CA PHE A 215 20.42 17.55 21.04
C PHE A 215 21.94 17.73 20.98
N GLY A 216 22.42 18.13 19.80
CA GLY A 216 23.83 18.38 19.56
C GLY A 216 24.58 17.38 18.71
N ALA A 217 24.96 17.76 17.49
CA ALA A 217 25.71 16.88 16.58
C ALA A 217 24.83 15.73 16.12
N HIS A 218 23.59 16.06 15.80
CA HIS A 218 22.61 15.09 15.34
C HIS A 218 21.60 15.96 14.60
N PRO A 219 20.93 15.42 13.58
CA PRO A 219 19.95 16.20 12.81
C PRO A 219 19.05 17.10 13.64
N THR A 220 18.35 16.50 14.61
CA THR A 220 17.42 17.25 15.46
C THR A 220 17.98 18.51 16.08
N GLY A 221 19.13 18.41 16.73
CA GLY A 221 19.72 19.58 17.34
C GLY A 221 20.16 20.55 16.26
N LEU A 222 20.73 20.01 15.20
CA LEU A 222 21.21 20.83 14.09
C LEU A 222 20.10 21.66 13.44
N LEU A 223 18.89 21.11 13.39
CA LEU A 223 17.76 21.82 12.78
C LEU A 223 17.10 22.86 13.68
N THR A 224 17.13 22.63 14.99
CA THR A 224 16.46 23.54 15.89
C THR A 224 17.24 24.61 16.64
N VAL A 225 18.56 24.56 16.69
CA VAL A 225 19.31 25.57 17.45
C VAL A 225 18.97 27.02 17.13
N ALA A 226 19.00 27.38 15.84
CA ALA A 226 18.69 28.74 15.42
C ALA A 226 17.27 29.14 15.84
N LEU A 227 16.33 28.18 15.76
CA LEU A 227 14.95 28.44 16.14
C LEU A 227 14.85 28.76 17.63
N PHE A 228 15.47 27.93 18.48
CA PHE A 228 15.42 28.16 19.91
C PHE A 228 16.11 29.45 20.30
N GLU A 229 17.20 29.78 19.62
CA GLU A 229 17.91 31.03 19.90
C GLU A 229 17.00 32.19 19.53
N ALA A 230 16.30 32.06 18.40
CA ALA A 230 15.38 33.10 17.95
C ALA A 230 14.20 33.23 18.91
N LEU A 231 13.64 32.10 19.34
CA LEU A 231 12.50 32.10 20.26
C LEU A 231 12.88 32.75 21.60
N GLN A 232 14.05 32.39 22.12
CA GLN A 232 14.49 32.96 23.39
C GLN A 232 14.53 34.49 23.32
N ARG A 233 14.98 34.99 22.18
CA ARG A 233 15.11 36.42 21.96
C ARG A 233 13.83 37.12 21.52
N ARG A 234 12.98 36.45 20.76
CA ARG A 234 11.77 37.07 20.25
C ARG A 234 10.44 36.65 20.85
N GLN A 235 10.44 35.71 21.79
CA GLN A 235 9.20 35.24 22.41
C GLN A 235 9.55 34.86 23.84
N PRO A 236 10.06 35.82 24.63
CA PRO A 236 10.44 35.60 26.02
C PRO A 236 9.26 35.09 26.85
N ASP A 237 8.07 35.42 26.38
CA ASP A 237 6.83 35.00 27.03
C ASP A 237 6.68 33.48 27.01
N LEU A 238 7.26 32.82 26.02
CA LEU A 238 7.20 31.36 25.89
C LEU A 238 8.40 30.69 26.53
N GLN A 239 8.14 29.88 27.55
CA GLN A 239 9.17 29.18 28.32
C GLN A 239 9.59 27.82 27.70
N MET A 240 10.74 27.81 27.04
CA MET A 240 11.26 26.61 26.39
C MET A 240 11.98 25.62 27.30
N HIS A 241 11.57 24.35 27.22
CA HIS A 241 12.18 23.27 28.02
C HIS A 241 12.63 22.12 27.11
N LEU A 242 13.90 21.78 27.18
CA LEU A 242 14.42 20.69 26.38
C LEU A 242 14.71 19.51 27.28
N PHE A 243 14.12 18.36 26.94
CA PHE A 243 14.32 17.13 27.70
C PHE A 243 15.22 16.19 26.92
N ALA A 244 16.52 16.36 27.10
CA ALA A 244 17.56 15.58 26.41
C ALA A 244 17.73 14.18 26.98
N THR A 245 17.64 13.18 26.11
CA THR A 245 17.80 11.80 26.53
C THR A 245 19.20 11.29 26.17
N SER A 246 20.13 12.21 25.93
CA SER A 246 21.51 11.87 25.61
C SER A 246 22.40 12.84 26.38
N GLY A 247 23.59 12.39 26.76
CA GLY A 247 24.48 13.25 27.52
C GLY A 247 25.17 14.29 26.66
N ASP A 248 25.92 15.17 27.30
CA ASP A 248 26.64 16.20 26.58
C ASP A 248 27.71 15.49 25.73
N ASP A 249 27.76 15.80 24.44
CA ASP A 249 28.73 15.19 23.54
C ASP A 249 29.89 16.12 23.26
N GLY A 250 29.85 17.31 23.86
CA GLY A 250 30.93 18.27 23.66
C GLY A 250 30.80 19.15 22.43
N SER A 251 29.71 19.02 21.69
CA SER A 251 29.49 19.81 20.48
C SER A 251 29.02 21.22 20.80
N THR A 252 29.28 22.15 19.88
CA THR A 252 28.84 23.51 20.10
C THR A 252 27.32 23.52 20.16
N LEU A 253 26.69 22.69 19.33
CA LEU A 253 25.23 22.63 19.28
C LEU A 253 24.62 22.35 20.65
N ARG A 254 25.11 21.31 21.31
CA ARG A 254 24.57 20.98 22.63
C ARG A 254 24.69 22.19 23.57
N THR A 255 25.83 22.87 23.53
CA THR A 255 26.07 24.03 24.37
C THR A 255 25.12 25.19 24.04
N ARG A 256 24.94 25.46 22.75
CA ARG A 256 24.06 26.51 22.32
C ARG A 256 22.62 26.20 22.75
N LEU A 257 22.21 24.95 22.60
CA LEU A 257 20.85 24.57 22.97
C LEU A 257 20.67 24.76 24.47
N ALA A 258 21.68 24.36 25.22
CA ALA A 258 21.65 24.47 26.66
C ALA A 258 21.44 25.90 27.15
N GLN A 259 22.04 26.87 26.47
CA GLN A 259 21.89 28.25 26.89
C GLN A 259 20.86 29.03 26.08
N ALA A 260 19.97 28.33 25.41
CA ALA A 260 18.96 28.99 24.62
C ALA A 260 17.64 28.38 25.06
N SER A 261 17.70 27.72 26.21
CA SER A 261 16.54 27.06 26.80
C SER A 261 16.97 26.47 28.11
N THR A 262 16.04 25.79 28.78
CA THR A 262 16.33 25.12 30.03
C THR A 262 16.47 23.68 29.55
N LEU A 263 17.70 23.16 29.54
CA LEU A 263 17.92 21.80 29.06
C LEU A 263 18.06 20.82 30.21
N HIS A 264 17.16 19.85 30.25
CA HIS A 264 17.16 18.83 31.30
C HIS A 264 17.83 17.56 30.76
N ASP A 265 18.87 17.09 31.43
CA ASP A 265 19.50 15.87 30.99
C ASP A 265 18.80 14.73 31.72
N VAL A 266 17.81 14.11 31.09
CA VAL A 266 17.09 13.02 31.71
C VAL A 266 17.59 11.70 31.13
N THR A 267 18.82 11.71 30.65
CA THR A 267 19.42 10.53 30.04
C THR A 267 19.42 9.26 30.94
N ALA A 268 19.53 9.44 32.25
CA ALA A 268 19.56 8.30 33.16
C ALA A 268 18.22 7.81 33.73
N LEU A 269 17.16 8.55 33.48
CA LEU A 269 15.85 8.16 34.01
C LEU A 269 15.17 7.10 33.14
N GLY A 270 14.34 6.27 33.76
CA GLY A 270 13.62 5.25 33.02
C GLY A 270 12.44 5.95 32.40
N HIS A 271 11.62 5.25 31.62
CA HIS A 271 10.50 5.94 31.01
C HIS A 271 9.51 6.55 32.00
N LEU A 272 9.22 5.85 33.09
CA LEU A 272 8.26 6.40 34.07
C LEU A 272 8.81 7.64 34.77
N ALA A 273 10.05 7.55 35.25
CA ALA A 273 10.67 8.69 35.93
C ALA A 273 10.68 9.89 34.99
N THR A 274 11.06 9.65 33.74
CA THR A 274 11.13 10.73 32.76
C THR A 274 9.75 11.35 32.53
N ALA A 275 8.73 10.51 32.48
CA ALA A 275 7.37 11.00 32.31
C ALA A 275 7.02 11.89 33.51
N LYS A 276 7.23 11.37 34.73
CA LYS A 276 6.93 12.12 35.94
C LYS A 276 7.74 13.42 35.99
N HIS A 277 8.96 13.40 35.45
CA HIS A 277 9.82 14.59 35.46
C HIS A 277 9.25 15.68 34.57
N ILE A 278 8.80 15.33 33.38
CA ILE A 278 8.20 16.32 32.50
C ILE A 278 6.93 16.85 33.19
N ARG A 279 6.15 15.95 33.76
CA ARG A 279 4.93 16.32 34.46
C ARG A 279 5.28 17.27 35.61
N HIS A 280 6.40 17.00 36.30
CA HIS A 280 6.81 17.85 37.42
C HIS A 280 7.07 19.28 37.01
N HIS A 281 7.42 19.49 35.75
CA HIS A 281 7.66 20.84 35.28
C HIS A 281 6.44 21.53 34.64
N GLY A 282 5.31 20.84 34.70
CA GLY A 282 4.08 21.38 34.17
C GLY A 282 4.13 21.77 32.71
N ILE A 283 4.70 20.91 31.88
CA ILE A 283 4.80 21.19 30.45
C ILE A 283 3.39 21.16 29.87
N ASP A 284 3.04 22.18 29.09
CA ASP A 284 1.71 22.25 28.50
C ASP A 284 1.69 21.69 27.08
N LEU A 285 2.67 22.09 26.28
CA LEU A 285 2.80 21.59 24.92
C LEU A 285 4.11 20.83 24.86
N LEU A 286 4.03 19.51 24.65
CA LEU A 286 5.22 18.67 24.58
C LEU A 286 5.42 18.14 23.16
N PHE A 287 6.62 18.31 22.63
CA PHE A 287 6.92 17.86 21.27
C PHE A 287 7.81 16.63 21.25
N ASP A 288 7.49 15.66 20.39
CA ASP A 288 8.30 14.46 20.27
C ASP A 288 9.29 14.67 19.12
N LEU A 289 10.54 14.99 19.48
CA LEU A 289 11.58 15.20 18.49
C LEU A 289 12.48 13.98 18.35
N ALA A 290 11.94 12.81 18.65
CA ALA A 290 12.70 11.57 18.50
C ALA A 290 11.88 10.67 17.58
N GLY A 291 10.58 10.59 17.84
CA GLY A 291 9.68 9.77 17.03
C GLY A 291 10.10 8.32 17.02
N TRP A 292 9.55 7.52 16.11
CA TRP A 292 9.95 6.12 16.03
C TRP A 292 11.40 6.04 15.55
N GLY A 293 12.19 5.18 16.16
CA GLY A 293 13.59 5.07 15.79
C GLY A 293 14.44 6.12 16.46
N GLY A 294 15.68 5.79 16.78
CA GLY A 294 16.54 6.71 17.49
C GLY A 294 16.22 6.79 18.98
N GLY A 295 16.26 5.66 19.66
CA GLY A 295 15.96 5.61 21.08
C GLY A 295 14.50 5.97 20.93
N GLY A 296 14.22 7.26 21.08
CA GLY A 296 12.87 7.77 21.21
C GLY A 296 12.12 7.65 22.52
N ARG A 297 12.38 6.63 23.32
CA ARG A 297 11.61 6.46 24.52
C ARG A 297 10.13 6.55 24.19
N PRO A 298 9.59 5.57 23.47
CA PRO A 298 8.16 5.64 23.19
C PRO A 298 7.22 5.64 24.39
N GLU A 299 7.55 4.89 25.43
CA GLU A 299 6.69 4.83 26.61
C GLU A 299 6.52 6.19 27.28
N VAL A 300 7.58 6.98 27.31
CA VAL A 300 7.52 8.28 27.94
C VAL A 300 6.35 9.09 27.43
N PHE A 301 6.05 8.97 26.14
CA PHE A 301 4.94 9.71 25.55
C PHE A 301 3.59 9.04 25.78
N ALA A 302 3.63 7.72 25.92
CA ALA A 302 2.42 6.95 26.17
C ALA A 302 1.88 7.31 27.55
N LEU A 303 2.79 7.60 28.48
CA LEU A 303 2.41 7.98 29.84
C LEU A 303 1.66 9.31 29.89
N ARG A 304 1.50 9.97 28.73
CA ARG A 304 0.81 11.26 28.63
C ARG A 304 1.15 12.27 29.73
N PRO A 305 2.44 12.62 29.88
CA PRO A 305 2.86 13.57 30.91
C PRO A 305 2.43 15.02 30.65
N ALA A 306 1.96 15.29 29.43
CA ALA A 306 1.54 16.65 29.08
C ALA A 306 0.17 16.66 28.41
N PRO A 307 -0.67 17.64 28.76
CA PRO A 307 -2.01 17.72 28.18
C PRO A 307 -2.03 17.67 26.66
N VAL A 308 -1.11 18.38 26.02
CA VAL A 308 -1.04 18.40 24.56
C VAL A 308 0.33 17.92 24.04
N GLN A 309 0.30 16.84 23.26
CA GLN A 309 1.53 16.29 22.71
C GLN A 309 1.57 16.42 21.19
N VAL A 310 2.68 16.94 20.68
CA VAL A 310 2.82 17.18 19.24
C VAL A 310 3.94 16.40 18.57
N ASN A 311 3.65 15.90 17.39
CA ASN A 311 4.61 15.16 16.59
C ASN A 311 5.17 16.16 15.58
N TRP A 312 6.48 16.35 15.60
CA TRP A 312 7.07 17.29 14.70
C TRP A 312 8.54 17.08 14.44
N LEU A 313 8.90 17.13 13.17
CA LEU A 313 10.31 17.11 12.81
C LEU A 313 11.27 16.04 13.30
N ALA A 314 10.87 14.79 13.39
CA ALA A 314 11.81 13.83 13.94
C ALA A 314 11.53 12.68 13.01
N TYR A 315 10.36 12.07 13.16
CA TYR A 315 9.97 10.96 12.32
C TYR A 315 9.13 11.55 11.20
N PRO A 316 9.58 11.41 9.94
CA PRO A 316 8.83 11.96 8.79
C PRO A 316 7.59 11.15 8.36
N GLY A 317 6.70 10.89 9.31
CA GLY A 317 5.49 10.16 9.00
C GLY A 317 4.50 10.30 10.15
N THR A 318 3.37 9.62 10.04
CA THR A 318 2.36 9.67 11.10
C THR A 318 2.82 8.76 12.24
N SER A 319 2.64 9.22 13.47
CA SER A 319 3.04 8.42 14.62
C SER A 319 2.03 7.31 14.78
N GLY A 320 0.82 7.58 14.29
CA GLY A 320 -0.27 6.63 14.38
C GLY A 320 -0.50 6.22 15.82
N ALA A 321 -0.26 7.13 16.76
CA ALA A 321 -0.42 6.79 18.17
C ALA A 321 -1.57 7.54 18.84
N PRO A 322 -2.28 6.86 19.74
CA PRO A 322 -3.42 7.40 20.49
C PRO A 322 -3.03 8.55 21.41
N TRP A 323 -1.77 8.58 21.81
CA TRP A 323 -1.31 9.60 22.73
C TRP A 323 -0.76 10.84 22.07
N MET A 324 -0.68 10.81 20.75
CA MET A 324 -0.15 11.95 20.00
C MET A 324 -1.34 12.75 19.44
N ASP A 325 -1.44 14.01 19.86
CA ASP A 325 -2.53 14.88 19.45
C ASP A 325 -2.39 15.54 18.10
N TYR A 326 -1.25 16.16 17.82
CA TYR A 326 -1.04 16.86 16.56
C TYR A 326 0.30 16.56 15.87
N VAL A 327 0.35 16.86 14.59
CA VAL A 327 1.57 16.74 13.78
C VAL A 327 1.72 18.12 13.18
N LEU A 328 2.95 18.57 13.07
CA LEU A 328 3.19 19.88 12.52
C LEU A 328 3.88 19.67 11.19
N GLY A 329 3.16 19.94 10.12
CA GLY A 329 3.72 19.81 8.79
C GLY A 329 3.60 21.14 8.07
N ASP A 330 3.43 21.10 6.76
CA ASP A 330 3.25 22.32 5.97
C ASP A 330 2.39 22.00 4.76
N ALA A 331 1.92 23.05 4.10
CA ALA A 331 1.04 22.90 2.95
C ALA A 331 1.55 22.00 1.83
N PHE A 332 2.88 21.91 1.68
CA PHE A 332 3.44 21.09 0.61
C PHE A 332 3.76 19.66 0.98
N ALA A 333 4.54 19.47 2.03
CA ALA A 333 4.93 18.13 2.45
C ALA A 333 3.74 17.33 3.00
N LEU A 334 2.80 18.01 3.66
CA LEU A 334 1.65 17.35 4.23
C LEU A 334 0.37 18.02 3.74
N PRO A 335 0.07 17.88 2.43
CA PRO A 335 -1.12 18.48 1.80
C PRO A 335 -2.41 17.79 2.23
N PRO A 336 -3.57 18.43 1.98
CA PRO A 336 -4.89 17.89 2.35
C PRO A 336 -5.10 16.43 1.94
N ALA A 337 -4.69 16.09 0.73
CA ALA A 337 -4.84 14.72 0.23
C ALA A 337 -4.12 13.68 1.08
N LEU A 338 -3.21 14.14 1.92
CA LEU A 338 -2.44 13.24 2.76
C LEU A 338 -2.95 13.22 4.20
N GLU A 339 -3.67 14.26 4.60
CA GLU A 339 -4.19 14.35 5.96
C GLU A 339 -4.91 13.11 6.50
N PRO A 340 -5.63 12.38 5.65
CA PRO A 340 -6.34 11.18 6.09
C PRO A 340 -5.46 10.11 6.72
N PHE A 341 -4.23 10.01 6.21
CA PHE A 341 -3.30 9.01 6.71
C PHE A 341 -2.62 9.37 8.02
N TYR A 342 -2.78 10.60 8.48
CA TYR A 342 -2.18 10.99 9.73
C TYR A 342 -3.19 10.79 10.84
N SER A 343 -2.83 9.96 11.81
CA SER A 343 -3.71 9.68 12.93
C SER A 343 -3.95 10.92 13.78
N GLU A 344 -2.94 11.77 13.88
CA GLU A 344 -3.06 12.99 14.68
C GLU A 344 -3.64 14.14 13.87
N HIS A 345 -4.16 15.16 14.55
CA HIS A 345 -4.75 16.32 13.87
C HIS A 345 -3.60 17.12 13.24
N VAL A 346 -3.73 17.43 11.95
CA VAL A 346 -2.69 18.15 11.22
C VAL A 346 -2.61 19.65 11.47
N LEU A 347 -1.41 20.13 11.78
CA LEU A 347 -1.14 21.55 12.00
C LEU A 347 -0.11 21.95 10.95
N ARG A 348 -0.21 23.18 10.44
CA ARG A 348 0.75 23.63 9.45
C ARG A 348 1.29 25.02 9.75
N LEU A 349 2.57 25.22 9.43
CA LEU A 349 3.18 26.52 9.62
C LEU A 349 2.98 27.23 8.30
N GLN A 350 3.09 28.56 8.29
CA GLN A 350 2.91 29.34 7.06
C GLN A 350 3.87 28.89 5.96
N GLY A 351 5.16 28.78 6.31
CA GLY A 351 6.15 28.35 5.33
C GLY A 351 6.46 26.87 5.43
N ALA A 352 7.70 26.49 5.16
CA ALA A 352 8.10 25.10 5.24
C ALA A 352 8.06 24.66 6.71
N PHE A 353 7.86 23.37 6.96
CA PHE A 353 7.77 22.82 8.31
C PHE A 353 9.13 22.72 9.01
N GLN A 354 10.19 22.69 8.21
CA GLN A 354 11.53 22.52 8.73
C GLN A 354 12.38 23.75 8.98
N PRO A 355 12.87 23.93 10.22
CA PRO A 355 13.72 25.09 10.50
C PRO A 355 15.16 24.68 10.15
N SER A 356 16.12 25.58 10.35
CA SER A 356 17.50 25.27 10.01
C SER A 356 18.47 26.18 10.76
N ASP A 357 19.71 25.74 10.93
CA ASP A 357 20.71 26.55 11.61
C ASP A 357 21.29 27.56 10.62
N THR A 358 20.69 28.74 10.60
CA THR A 358 21.09 29.80 9.69
C THR A 358 22.31 30.58 10.16
N SER A 359 22.98 30.07 11.19
CA SER A 359 24.18 30.72 11.71
C SER A 359 25.44 30.01 11.22
N ARG A 360 25.26 28.91 10.48
CA ARG A 360 26.39 28.14 9.97
C ARG A 360 27.16 28.79 8.86
N VAL A 361 28.44 29.04 9.12
CA VAL A 361 29.29 29.62 8.09
C VAL A 361 29.83 28.42 7.32
N VAL A 362 29.73 28.48 6.00
CA VAL A 362 30.20 27.39 5.16
C VAL A 362 31.62 27.68 4.70
N ALA A 363 32.58 27.00 5.32
CA ALA A 363 33.99 27.20 4.98
C ALA A 363 34.35 26.67 3.60
N GLU A 364 35.59 26.93 3.17
CA GLU A 364 36.10 26.48 1.89
C GLU A 364 36.63 25.07 2.00
N PRO A 365 36.24 24.19 1.07
CA PRO A 365 36.72 22.80 1.12
C PRO A 365 38.12 22.66 0.54
N PRO A 366 38.71 21.47 0.66
CA PRO A 366 40.04 21.33 0.06
C PRO A 366 39.80 21.34 -1.45
N SER A 367 40.85 21.40 -2.24
CA SER A 367 40.67 21.40 -3.69
C SER A 367 39.89 20.16 -4.14
N ARG A 368 39.42 20.17 -5.37
CA ARG A 368 38.65 19.04 -5.88
C ARG A 368 39.53 17.80 -5.82
N THR A 369 40.81 17.97 -6.13
CA THR A 369 41.74 16.86 -6.10
C THR A 369 41.87 16.25 -4.72
N GLN A 370 42.08 17.08 -3.71
CA GLN A 370 42.20 16.60 -2.35
C GLN A 370 40.88 15.99 -1.87
N CYS A 371 39.83 16.17 -2.66
CA CYS A 371 38.52 15.62 -2.31
C CYS A 371 38.27 14.40 -3.19
N GLY A 372 39.31 13.95 -3.89
CA GLY A 372 39.21 12.79 -4.75
C GLY A 372 38.33 13.01 -5.96
N LEU A 373 38.14 14.28 -6.33
CA LEU A 373 37.30 14.66 -7.47
C LEU A 373 38.10 15.14 -8.67
N PRO A 374 37.71 14.70 -9.89
CA PRO A 374 38.45 15.17 -11.06
C PRO A 374 38.36 16.70 -11.10
N GLU A 375 39.48 17.38 -11.35
CA GLU A 375 39.49 18.84 -11.35
C GLU A 375 38.61 19.46 -12.42
N GLN A 376 38.24 18.65 -13.42
CA GLN A 376 37.38 19.09 -14.52
C GLN A 376 36.16 18.17 -14.63
N GLY A 377 35.02 18.75 -15.01
CA GLY A 377 33.81 17.95 -15.15
C GLY A 377 32.74 18.32 -14.14
N VAL A 378 31.49 18.02 -14.49
CA VAL A 378 30.36 18.32 -13.63
C VAL A 378 30.23 17.33 -12.47
N VAL A 379 30.19 17.86 -11.26
CA VAL A 379 30.07 17.05 -10.06
C VAL A 379 28.62 16.97 -9.61
N LEU A 380 28.03 15.78 -9.77
CA LEU A 380 26.66 15.52 -9.34
C LEU A 380 26.80 14.85 -7.99
N CYS A 381 26.01 15.25 -7.01
CA CYS A 381 26.15 14.62 -5.71
C CYS A 381 24.86 14.26 -4.99
N CYS A 382 24.99 13.29 -4.11
CA CYS A 382 23.91 12.78 -3.27
C CYS A 382 24.59 12.25 -2.02
N PHE A 383 24.49 13.01 -0.94
CA PHE A 383 25.11 12.62 0.32
C PHE A 383 24.13 11.96 1.27
N ASN A 384 23.12 11.27 0.76
CA ASN A 384 22.16 10.63 1.62
C ASN A 384 22.65 9.35 2.26
N ASN A 385 22.02 9.00 3.37
CA ASN A 385 22.36 7.77 4.08
C ASN A 385 22.18 6.59 3.12
N SER A 386 23.00 5.54 3.28
CA SER A 386 22.95 4.39 2.39
C SER A 386 21.60 3.70 2.20
N TYR A 387 20.78 3.63 3.24
CA TYR A 387 19.47 2.98 3.11
C TYR A 387 18.50 3.74 2.20
N LYS A 388 18.78 5.01 1.93
CA LYS A 388 17.95 5.83 1.05
C LYS A 388 18.37 5.61 -0.42
N LEU A 389 19.51 4.95 -0.58
CA LEU A 389 20.09 4.65 -1.88
C LEU A 389 19.59 3.29 -2.37
N ASN A 390 18.38 3.25 -2.91
CA ASN A 390 17.82 1.98 -3.39
C ASN A 390 18.08 1.81 -4.88
N PRO A 391 17.68 0.65 -5.45
CA PRO A 391 17.89 0.40 -6.87
C PRO A 391 17.34 1.52 -7.74
N GLN A 392 16.10 1.93 -7.49
CA GLN A 392 15.49 2.98 -8.27
C GLN A 392 16.27 4.28 -8.31
N SER A 393 16.63 4.79 -7.14
CA SER A 393 17.36 6.05 -7.02
C SER A 393 18.73 5.99 -7.67
N MET A 394 19.44 4.88 -7.47
CA MET A 394 20.77 4.70 -8.05
C MET A 394 20.70 4.66 -9.58
N ALA A 395 19.77 3.87 -10.13
CA ALA A 395 19.60 3.76 -11.57
C ALA A 395 19.43 5.16 -12.14
N ARG A 396 18.57 5.95 -11.49
CA ARG A 396 18.29 7.35 -11.85
C ARG A 396 19.56 8.17 -12.01
N MET A 397 20.37 8.18 -10.95
CA MET A 397 21.61 8.94 -10.96
C MET A 397 22.56 8.44 -12.03
N LEU A 398 22.74 7.11 -12.11
CA LEU A 398 23.62 6.54 -13.12
C LEU A 398 23.18 6.94 -14.53
N ALA A 399 21.87 6.95 -14.76
CA ALA A 399 21.34 7.34 -16.07
C ALA A 399 21.87 8.71 -16.48
N VAL A 400 22.03 9.63 -15.51
CA VAL A 400 22.54 10.96 -15.83
C VAL A 400 24.02 10.90 -16.21
N LEU A 401 24.81 10.13 -15.48
CA LEU A 401 26.23 10.00 -15.76
C LEU A 401 26.44 9.44 -17.16
N ARG A 402 25.79 8.31 -17.41
CA ARG A 402 25.86 7.61 -18.68
C ARG A 402 25.58 8.51 -19.88
N GLU A 403 24.68 9.46 -19.68
CA GLU A 403 24.24 10.37 -20.73
C GLU A 403 24.96 11.73 -20.74
N VAL A 404 25.79 11.98 -19.74
CA VAL A 404 26.55 13.24 -19.67
C VAL A 404 28.01 12.92 -19.36
N PRO A 405 28.86 12.84 -20.40
CA PRO A 405 30.28 12.53 -20.26
C PRO A 405 31.00 13.52 -19.36
N ASP A 406 32.09 13.07 -18.73
CA ASP A 406 32.87 13.94 -17.85
C ASP A 406 32.25 14.25 -16.48
N SER A 407 31.08 13.69 -16.19
CA SER A 407 30.46 13.95 -14.91
C SER A 407 30.77 12.79 -13.98
N VAL A 408 30.70 13.05 -12.68
CA VAL A 408 30.95 12.05 -11.66
C VAL A 408 29.85 12.13 -10.61
N LEU A 409 29.67 11.05 -9.85
CA LEU A 409 28.68 10.99 -8.81
C LEU A 409 29.37 10.91 -7.45
N TRP A 410 29.25 11.98 -6.67
CA TRP A 410 29.87 12.07 -5.36
C TRP A 410 28.86 11.54 -4.35
N LEU A 411 29.20 10.44 -3.69
CA LEU A 411 28.31 9.84 -2.71
C LEU A 411 28.90 9.76 -1.31
N LEU A 412 28.04 9.63 -0.31
CA LEU A 412 28.52 9.50 1.06
C LEU A 412 28.88 8.04 1.25
N SER A 413 30.15 7.77 1.54
CA SER A 413 30.61 6.40 1.75
C SER A 413 29.74 5.66 2.76
N GLY A 414 29.31 4.45 2.38
CA GLY A 414 28.45 3.66 3.25
C GLY A 414 29.17 2.63 4.11
N PRO A 415 28.44 1.93 4.99
CA PRO A 415 29.00 0.91 5.87
C PRO A 415 29.32 -0.38 5.13
N GLY A 416 29.93 -1.33 5.83
CA GLY A 416 30.28 -2.60 5.21
C GLY A 416 30.94 -2.45 3.85
N GLU A 417 30.47 -3.21 2.88
CA GLU A 417 31.03 -3.15 1.54
C GLU A 417 30.02 -2.51 0.57
N ALA A 418 29.22 -1.60 1.12
CA ALA A 418 28.22 -0.89 0.35
C ALA A 418 28.84 -0.22 -0.87
N ASP A 419 29.93 0.50 -0.67
CA ASP A 419 30.61 1.21 -1.77
C ASP A 419 30.97 0.24 -2.89
N ALA A 420 31.53 -0.91 -2.53
CA ALA A 420 31.92 -1.92 -3.49
C ALA A 420 30.70 -2.39 -4.29
N ARG A 421 29.61 -2.71 -3.59
CA ARG A 421 28.41 -3.15 -4.27
C ARG A 421 27.90 -2.06 -5.22
N LEU A 422 28.03 -0.81 -4.81
CA LEU A 422 27.58 0.30 -5.61
C LEU A 422 28.43 0.47 -6.86
N ARG A 423 29.76 0.34 -6.73
CA ARG A 423 30.62 0.49 -7.89
C ARG A 423 30.26 -0.62 -8.86
N ALA A 424 29.99 -1.81 -8.31
CA ALA A 424 29.62 -2.95 -9.13
C ALA A 424 28.33 -2.63 -9.90
N PHE A 425 27.28 -2.28 -9.17
CA PHE A 425 26.01 -1.94 -9.79
C PHE A 425 26.23 -0.89 -10.90
N ALA A 426 26.99 0.15 -10.59
CA ALA A 426 27.26 1.21 -11.54
C ALA A 426 27.78 0.61 -12.83
N HIS A 427 28.76 -0.28 -12.69
CA HIS A 427 29.37 -0.94 -13.85
C HIS A 427 28.32 -1.74 -14.62
N ALA A 428 27.57 -2.56 -13.90
CA ALA A 428 26.53 -3.38 -14.51
C ALA A 428 25.48 -2.49 -15.18
N GLN A 429 25.49 -1.21 -14.87
CA GLN A 429 24.53 -0.27 -15.41
C GLN A 429 25.13 0.56 -16.55
N GLY A 430 26.33 0.20 -16.98
CA GLY A 430 26.95 0.91 -18.08
C GLY A 430 27.72 2.18 -17.75
N VAL A 431 28.29 2.25 -16.56
CA VAL A 431 29.05 3.43 -16.18
C VAL A 431 30.36 3.01 -15.52
N ASP A 432 31.44 3.64 -15.95
CA ASP A 432 32.75 3.34 -15.40
C ASP A 432 32.70 3.57 -13.88
N ALA A 433 32.71 2.45 -13.14
CA ALA A 433 32.65 2.49 -11.67
C ALA A 433 33.60 3.49 -11.02
N GLN A 434 34.55 4.01 -11.77
CA GLN A 434 35.51 4.94 -11.22
C GLN A 434 34.99 6.38 -11.25
N ARG A 435 33.78 6.56 -11.77
CA ARG A 435 33.20 7.89 -11.84
C ARG A 435 32.42 8.18 -10.57
N LEU A 436 32.33 7.15 -9.72
CA LEU A 436 31.66 7.27 -8.43
C LEU A 436 32.74 7.60 -7.40
N VAL A 437 32.58 8.73 -6.70
CA VAL A 437 33.54 9.12 -5.67
C VAL A 437 32.85 9.09 -4.33
N PHE A 438 33.44 8.37 -3.37
CA PHE A 438 32.85 8.22 -2.04
C PHE A 438 33.53 9.04 -0.95
N MET A 439 32.76 9.91 -0.31
CA MET A 439 33.29 10.74 0.76
C MET A 439 33.04 10.11 2.12
N PRO A 440 34.05 10.14 3.00
CA PRO A 440 33.90 9.54 4.34
C PRO A 440 33.07 10.50 5.18
N LYS A 441 32.34 9.98 6.17
CA LYS A 441 31.54 10.86 7.03
C LYS A 441 32.53 11.82 7.73
N LEU A 442 32.26 13.11 7.63
CA LEU A 442 33.12 14.13 8.23
C LEU A 442 32.36 14.97 9.25
N PRO A 443 33.09 15.71 10.10
CA PRO A 443 32.42 16.55 11.10
C PRO A 443 31.59 17.58 10.30
N HIS A 444 30.39 17.87 10.76
CA HIS A 444 29.50 18.80 10.05
C HIS A 444 30.14 19.98 9.36
N PRO A 445 30.94 20.79 10.09
CA PRO A 445 31.55 21.94 9.43
C PRO A 445 32.32 21.59 8.14
N GLN A 446 33.15 20.54 8.22
CA GLN A 446 33.94 20.10 7.07
C GLN A 446 33.07 19.49 5.95
N TYR A 447 32.05 18.74 6.34
CA TYR A 447 31.15 18.14 5.38
C TYR A 447 30.39 19.24 4.64
N LEU A 448 29.88 20.22 5.38
CA LEU A 448 29.13 21.32 4.79
C LEU A 448 29.94 21.99 3.67
N ALA A 449 31.22 22.23 3.95
CA ALA A 449 32.11 22.89 3.01
C ALA A 449 32.27 22.14 1.70
N ARG A 450 32.08 20.82 1.73
CA ARG A 450 32.24 20.04 0.52
C ARG A 450 31.23 20.42 -0.57
N TYR A 451 30.06 20.89 -0.16
CA TYR A 451 29.01 21.27 -1.12
C TYR A 451 29.45 22.32 -2.12
N ARG A 452 30.43 23.12 -1.75
CA ARG A 452 30.89 24.14 -2.68
C ARG A 452 31.46 23.53 -3.96
N HIS A 453 31.84 22.25 -3.93
CA HIS A 453 32.36 21.59 -5.12
C HIS A 453 31.24 20.90 -5.89
N ALA A 454 30.05 20.88 -5.28
CA ALA A 454 28.90 20.24 -5.92
C ALA A 454 28.22 21.18 -6.89
N ASP A 455 27.72 20.62 -7.99
CA ASP A 455 27.04 21.40 -9.00
C ASP A 455 25.54 21.16 -8.93
N LEU A 456 25.15 19.98 -8.46
CA LEU A 456 23.74 19.65 -8.37
C LEU A 456 23.51 18.48 -7.44
N PHE A 457 22.59 18.65 -6.49
CA PHE A 457 22.28 17.59 -5.54
C PHE A 457 21.15 16.73 -6.12
N LEU A 458 21.38 15.43 -6.26
CA LEU A 458 20.36 14.52 -6.79
C LEU A 458 19.69 13.81 -5.63
N ASP A 459 18.41 14.10 -5.41
CA ASP A 459 17.66 13.50 -4.31
C ASP A 459 17.24 12.04 -4.54
N THR A 460 17.02 11.30 -3.46
CA THR A 460 16.63 9.89 -3.54
C THR A 460 15.14 9.73 -3.27
N HIS A 461 14.59 8.57 -3.64
CA HIS A 461 13.16 8.26 -3.50
C HIS A 461 13.02 6.81 -3.07
N PRO A 462 12.04 6.48 -2.22
CA PRO A 462 10.98 7.28 -1.58
C PRO A 462 11.34 7.99 -0.28
N TYR A 463 12.60 7.93 0.14
CA TYR A 463 13.00 8.61 1.36
C TYR A 463 13.96 9.73 0.96
N ASN A 464 13.45 10.96 0.90
CA ASN A 464 14.24 12.13 0.49
C ASN A 464 15.36 12.43 1.45
N ALA A 465 16.14 13.42 1.05
CA ALA A 465 17.18 13.92 1.90
C ALA A 465 16.33 14.94 2.67
N HIS A 466 16.48 15.03 3.99
CA HIS A 466 15.71 16.01 4.75
C HIS A 466 16.68 17.02 5.31
N THR A 467 17.35 16.65 6.39
CA THR A 467 18.33 17.55 6.94
C THR A 467 19.39 17.74 5.88
N THR A 468 19.71 16.69 5.13
CA THR A 468 20.72 16.76 4.08
C THR A 468 20.30 17.68 2.94
N ALA A 469 19.00 17.74 2.67
CA ALA A 469 18.50 18.58 1.60
C ALA A 469 18.67 20.05 1.96
N SER A 470 18.40 20.40 3.21
CA SER A 470 18.54 21.79 3.63
C SER A 470 20.01 22.16 3.89
N ASP A 471 20.85 21.16 4.13
CA ASP A 471 22.28 21.43 4.32
C ASP A 471 22.79 21.96 2.98
N ALA A 472 22.43 21.23 1.91
CA ALA A 472 22.83 21.57 0.55
C ALA A 472 22.32 22.95 0.11
N LEU A 473 21.02 23.18 0.30
CA LEU A 473 20.39 24.43 -0.08
C LEU A 473 21.03 25.60 0.67
N TRP A 474 21.28 25.42 1.96
CA TRP A 474 21.89 26.48 2.74
C TRP A 474 23.22 26.90 2.13
N THR A 475 23.92 25.93 1.56
CA THR A 475 25.20 26.14 0.93
C THR A 475 25.05 26.80 -0.43
N GLY A 476 23.89 26.62 -1.06
CA GLY A 476 23.68 27.24 -2.35
C GLY A 476 23.68 26.20 -3.46
N CYS A 477 23.75 24.94 -3.07
CA CYS A 477 23.73 23.87 -4.06
C CYS A 477 22.27 23.50 -4.37
N PRO A 478 21.86 23.57 -5.65
CA PRO A 478 20.47 23.21 -5.97
C PRO A 478 20.17 21.73 -5.78
N VAL A 479 18.94 21.42 -5.38
CA VAL A 479 18.52 20.03 -5.18
C VAL A 479 17.42 19.67 -6.19
N LEU A 480 17.59 18.53 -6.87
CA LEU A 480 16.61 18.05 -7.83
C LEU A 480 15.85 16.91 -7.14
N THR A 481 14.52 16.95 -7.19
CA THR A 481 13.72 15.94 -6.50
C THR A 481 12.45 15.58 -7.26
N THR A 482 11.86 14.43 -6.90
CA THR A 482 10.63 13.98 -7.52
C THR A 482 9.62 13.79 -6.39
N PRO A 483 8.98 14.87 -5.92
CA PRO A 483 7.98 14.85 -4.84
C PRO A 483 7.00 13.70 -5.00
N GLY A 484 6.99 12.81 -4.01
CA GLY A 484 6.11 11.65 -4.08
C GLY A 484 4.77 11.80 -3.40
N GLU A 485 4.23 10.68 -2.91
CA GLU A 485 2.93 10.69 -2.25
C GLU A 485 2.92 10.25 -0.79
N THR A 486 4.01 10.54 -0.10
CA THR A 486 4.13 10.24 1.33
C THR A 486 4.97 11.41 1.83
N PHE A 487 4.73 11.84 3.06
CA PHE A 487 5.48 12.96 3.61
C PHE A 487 6.97 12.81 3.35
N ALA A 488 7.56 11.71 3.83
CA ALA A 488 8.99 11.46 3.65
C ALA A 488 9.47 11.58 2.20
N ALA A 489 8.58 11.46 1.24
CA ALA A 489 8.98 11.56 -0.16
C ALA A 489 8.73 12.96 -0.71
N ARG A 490 8.39 13.91 0.17
CA ARG A 490 8.10 15.29 -0.24
C ARG A 490 8.80 16.38 0.56
N VAL A 491 9.77 16.02 1.40
CA VAL A 491 10.46 17.03 2.19
C VAL A 491 11.39 17.91 1.35
N ALA A 492 12.12 17.32 0.43
CA ALA A 492 13.01 18.10 -0.43
C ALA A 492 12.14 18.96 -1.32
N GLY A 493 10.98 18.42 -1.70
CA GLY A 493 10.08 19.19 -2.53
C GLY A 493 9.55 20.41 -1.78
N SER A 494 9.27 20.26 -0.49
CA SER A 494 8.76 21.36 0.30
C SER A 494 9.80 22.45 0.39
N LEU A 495 11.07 22.09 0.55
CA LEU A 495 12.10 23.12 0.61
C LEU A 495 12.16 23.86 -0.73
N ASN A 496 12.19 23.10 -1.82
CA ASN A 496 12.24 23.73 -3.14
C ASN A 496 11.05 24.66 -3.34
N HIS A 497 9.85 24.13 -3.11
CA HIS A 497 8.63 24.90 -3.24
C HIS A 497 8.71 26.22 -2.46
N HIS A 498 8.94 26.13 -1.16
CA HIS A 498 9.00 27.31 -0.31
C HIS A 498 10.19 28.24 -0.58
N LEU A 499 11.16 27.75 -1.32
CA LEU A 499 12.32 28.56 -1.67
C LEU A 499 11.95 29.33 -2.93
N GLY A 500 11.15 28.69 -3.80
CA GLY A 500 10.72 29.30 -5.04
C GLY A 500 11.25 28.57 -6.26
N LEU A 501 11.95 27.46 -6.03
CA LEU A 501 12.55 26.66 -7.09
C LEU A 501 11.69 25.50 -7.57
N ASP A 502 10.44 25.78 -7.93
CA ASP A 502 9.51 24.75 -8.38
C ASP A 502 10.00 23.96 -9.58
N GLU A 503 10.89 24.54 -10.38
CA GLU A 503 11.41 23.85 -11.55
C GLU A 503 12.28 22.65 -11.18
N MET A 504 12.74 22.62 -9.92
CA MET A 504 13.57 21.51 -9.44
C MET A 504 12.73 20.36 -8.88
N ASN A 505 11.41 20.54 -8.86
CA ASN A 505 10.48 19.51 -8.40
C ASN A 505 9.86 18.90 -9.66
N VAL A 506 10.52 17.90 -10.22
CA VAL A 506 10.01 17.26 -11.44
C VAL A 506 9.00 16.14 -11.20
N ALA A 507 8.41 15.64 -12.29
CA ALA A 507 7.35 14.64 -12.19
C ALA A 507 7.70 13.15 -12.07
N ASP A 508 8.87 12.75 -12.53
CA ASP A 508 9.24 11.34 -12.46
C ASP A 508 10.69 11.09 -12.89
N ASP A 509 11.09 9.83 -12.85
CA ASP A 509 12.46 9.47 -13.22
C ASP A 509 12.88 10.00 -14.59
N ALA A 510 12.06 9.78 -15.61
CA ALA A 510 12.38 10.25 -16.95
C ALA A 510 12.65 11.76 -16.91
N ALA A 511 11.77 12.48 -16.25
CA ALA A 511 11.89 13.93 -16.13
C ALA A 511 13.06 14.30 -15.23
N PHE A 512 13.35 13.41 -14.29
CA PHE A 512 14.45 13.64 -13.35
C PHE A 512 15.74 13.58 -14.14
N VAL A 513 15.93 12.52 -14.92
CA VAL A 513 17.14 12.37 -15.72
C VAL A 513 17.25 13.49 -16.74
N ALA A 514 16.10 13.88 -17.31
CA ALA A 514 16.05 14.95 -18.30
C ALA A 514 16.61 16.26 -17.74
N LYS A 515 16.00 16.75 -16.67
CA LYS A 515 16.41 18.00 -16.03
C LYS A 515 17.86 18.01 -15.62
N ALA A 516 18.34 16.86 -15.11
CA ALA A 516 19.72 16.72 -14.68
C ALA A 516 20.67 16.86 -15.88
N VAL A 517 20.37 16.11 -16.94
CA VAL A 517 21.16 16.13 -18.17
C VAL A 517 21.13 17.50 -18.84
N ALA A 518 20.00 18.18 -18.74
CA ALA A 518 19.86 19.52 -19.32
C ALA A 518 20.76 20.48 -18.56
N LEU A 519 20.60 20.51 -17.24
CA LEU A 519 21.37 21.36 -16.36
C LEU A 519 22.85 21.01 -16.41
N ALA A 520 23.15 19.71 -16.55
CA ALA A 520 24.53 19.24 -16.60
C ALA A 520 25.24 19.55 -17.91
N SER A 521 24.50 19.46 -19.02
CA SER A 521 25.04 19.71 -20.35
C SER A 521 25.34 21.19 -20.64
N ASP A 522 24.55 22.08 -20.04
CA ASP A 522 24.71 23.52 -20.26
C ASP A 522 25.24 24.21 -19.00
N PRO A 523 26.56 24.47 -18.94
CA PRO A 523 27.14 25.14 -17.76
C PRO A 523 26.67 26.58 -17.55
N ALA A 524 26.15 27.19 -18.60
CA ALA A 524 25.65 28.55 -18.47
C ALA A 524 24.39 28.46 -17.61
N ALA A 525 23.63 27.40 -17.81
CA ALA A 525 22.38 27.16 -17.07
C ALA A 525 22.66 26.80 -15.61
N LEU A 526 23.62 25.90 -15.38
CA LEU A 526 23.97 25.50 -14.03
C LEU A 526 24.36 26.75 -13.24
N THR A 527 25.28 27.52 -13.80
CA THR A 527 25.74 28.75 -13.17
C THR A 527 24.55 29.67 -12.92
N ALA A 528 23.60 29.68 -13.85
CA ALA A 528 22.41 30.52 -13.73
C ALA A 528 21.54 30.04 -12.57
N LEU A 529 21.46 28.73 -12.40
CA LEU A 529 20.66 28.12 -11.34
C LEU A 529 21.27 28.39 -9.97
N HIS A 530 22.59 28.38 -9.90
CA HIS A 530 23.26 28.64 -8.63
C HIS A 530 23.01 30.09 -8.21
N ALA A 531 23.08 31.00 -9.17
CA ALA A 531 22.86 32.41 -8.89
C ALA A 531 21.42 32.64 -8.46
N ARG A 532 20.51 31.81 -8.99
CA ARG A 532 19.10 31.93 -8.67
C ARG A 532 18.80 31.40 -7.27
N VAL A 533 19.49 30.33 -6.88
CA VAL A 533 19.29 29.78 -5.55
C VAL A 533 19.78 30.82 -4.53
N ASP A 534 20.93 31.43 -4.82
CA ASP A 534 21.50 32.44 -3.93
C ASP A 534 20.55 33.62 -3.69
N VAL A 535 19.72 33.94 -4.66
CA VAL A 535 18.79 35.04 -4.50
C VAL A 535 17.60 34.57 -3.65
N LEU A 536 16.92 33.53 -4.10
CA LEU A 536 15.76 32.99 -3.40
C LEU A 536 16.11 32.66 -1.94
N ARG A 537 17.35 32.26 -1.73
CA ARG A 537 17.83 31.94 -0.39
C ARG A 537 17.67 33.13 0.53
N ARG A 538 18.05 34.31 0.05
CA ARG A 538 17.95 35.56 0.84
C ARG A 538 16.56 36.19 0.77
N ALA A 539 15.83 35.93 -0.31
CA ALA A 539 14.49 36.51 -0.47
C ALA A 539 13.36 35.68 0.13
N SER A 540 13.56 34.38 0.23
CA SER A 540 12.55 33.48 0.76
C SER A 540 12.56 33.34 2.28
N GLY A 541 11.42 32.94 2.84
CA GLY A 541 11.34 32.77 4.28
C GLY A 541 12.06 31.55 4.83
N VAL A 542 12.26 30.55 3.99
CA VAL A 542 12.91 29.30 4.38
C VAL A 542 14.12 29.38 5.33
N PHE A 543 14.93 30.42 5.19
CA PHE A 543 16.09 30.55 6.07
C PHE A 543 16.03 31.79 6.95
N HIS A 544 14.82 32.23 7.25
CA HIS A 544 14.60 33.40 8.09
C HIS A 544 14.03 32.89 9.42
N MET A 545 14.92 32.44 10.30
CA MET A 545 14.51 31.89 11.59
C MET A 545 13.80 32.85 12.52
N ASP A 546 13.98 34.15 12.33
CA ASP A 546 13.27 35.12 13.16
C ASP A 546 11.80 35.04 12.80
N GLY A 547 11.50 34.94 11.50
CA GLY A 547 10.13 34.84 11.06
C GLY A 547 9.52 33.50 11.48
N PHE A 548 10.35 32.47 11.46
CA PHE A 548 9.93 31.13 11.86
C PHE A 548 9.55 31.16 13.33
N ALA A 549 10.41 31.77 14.14
CA ALA A 549 10.17 31.87 15.59
C ALA A 549 8.82 32.51 15.89
N ASP A 550 8.42 33.48 15.07
CA ASP A 550 7.16 34.17 15.27
C ASP A 550 5.99 33.31 14.84
N ASP A 551 6.05 32.77 13.65
CA ASP A 551 4.98 31.92 13.16
C ASP A 551 4.80 30.78 14.14
N PHE A 552 5.91 30.12 14.45
CA PHE A 552 5.92 28.99 15.38
C PHE A 552 5.34 29.40 16.73
N GLY A 553 5.79 30.52 17.27
CA GLY A 553 5.28 30.98 18.55
C GLY A 553 3.79 31.28 18.47
N ALA A 554 3.40 31.93 17.39
CA ALA A 554 2.01 32.28 17.17
C ALA A 554 1.19 31.00 17.17
N LEU A 555 1.72 29.97 16.53
CA LEU A 555 1.03 28.68 16.47
C LEU A 555 0.91 28.05 17.84
N LEU A 556 1.96 28.15 18.65
CA LEU A 556 1.95 27.57 20.00
C LEU A 556 0.90 28.23 20.91
N GLN A 557 0.73 29.54 20.78
CA GLN A 557 -0.23 30.27 21.60
C GLN A 557 -1.65 29.97 21.14
N ALA A 558 -1.86 29.94 19.83
CA ALA A 558 -3.18 29.64 19.31
C ALA A 558 -3.55 28.23 19.78
N LEU A 559 -2.60 27.31 19.67
CA LEU A 559 -2.78 25.92 20.08
C LEU A 559 -3.15 25.84 21.55
N ALA A 560 -2.43 26.60 22.37
CA ALA A 560 -2.68 26.64 23.80
C ALA A 560 -4.08 27.20 24.10
N ARG A 561 -4.40 28.32 23.45
CA ARG A 561 -5.72 28.93 23.65
C ARG A 561 -6.84 27.97 23.30
N ARG A 562 -6.58 27.09 22.35
CA ARG A 562 -7.57 26.11 21.92
C ARG A 562 -7.79 25.04 22.98
N HIS A 563 -6.93 25.02 23.99
CA HIS A 563 -7.03 24.01 25.04
C HIS A 563 -7.19 24.61 26.44
N GLY A 564 -7.70 25.83 26.50
CA GLY A 564 -7.94 26.47 27.78
C GLY A 564 -7.08 27.66 28.18
N TRP A 565 -5.91 27.79 27.58
CA TRP A 565 -5.04 28.89 27.93
C TRP A 565 -5.75 30.21 27.69
N LEU A 566 -5.50 31.19 28.57
CA LEU A 566 -6.13 32.49 28.44
C LEU A 566 -5.12 33.62 28.20
N GLY A 567 -3.84 33.34 28.42
CA GLY A 567 -2.81 34.35 28.20
C GLY A 567 -2.00 34.70 29.43
N ILE A 568 -1.40 35.89 29.43
CA ILE A 568 -0.59 36.40 30.54
C ILE A 568 0.70 35.59 30.71
N VAL B 24 -41.19 6.17 20.21
CA VAL B 24 -41.43 5.69 21.60
C VAL B 24 -40.40 4.63 21.97
N ALA B 25 -40.81 3.71 22.84
CA ALA B 25 -39.96 2.60 23.27
C ALA B 25 -40.03 1.52 22.21
N TRP B 26 -41.18 1.45 21.53
CA TRP B 26 -41.43 0.46 20.49
C TRP B 26 -40.35 0.39 19.41
N LEU B 27 -40.02 1.53 18.79
CA LEU B 27 -39.01 1.53 17.74
C LEU B 27 -37.71 0.87 18.19
N MET B 28 -37.42 0.95 19.49
CA MET B 28 -36.21 0.34 20.05
C MET B 28 -36.40 -1.18 20.18
N LEU B 29 -37.62 -1.59 20.49
CA LEU B 29 -37.93 -3.00 20.64
C LEU B 29 -37.81 -3.71 19.30
N ALA B 30 -38.55 -3.22 18.32
CA ALA B 30 -38.55 -3.79 16.98
C ALA B 30 -37.14 -4.13 16.54
N ASP B 31 -36.24 -3.14 16.61
CA ASP B 31 -34.85 -3.31 16.21
C ASP B 31 -34.23 -4.64 16.67
N ALA B 32 -34.55 -5.05 17.89
CA ALA B 32 -34.03 -6.28 18.45
C ALA B 32 -34.20 -7.53 17.57
N GLU B 33 -35.44 -7.81 17.18
CA GLU B 33 -35.79 -8.98 16.39
C GLU B 33 -35.03 -9.19 15.07
N LEU B 34 -34.74 -8.11 14.36
CA LEU B 34 -34.06 -8.20 13.07
C LEU B 34 -32.59 -8.64 13.13
N GLY B 35 -31.81 -8.06 14.05
CA GLY B 35 -30.41 -8.43 14.12
C GLY B 35 -29.88 -8.63 15.52
N ALA B 41 -42.17 -9.69 14.55
CA ALA B 41 -42.40 -8.87 15.74
C ALA B 41 -42.09 -7.42 15.44
N GLY B 42 -41.18 -7.21 14.50
CA GLY B 42 -40.79 -5.86 14.12
C GLY B 42 -41.94 -5.16 13.41
N GLU B 43 -42.48 -5.80 12.38
CA GLU B 43 -43.60 -5.26 11.62
C GLU B 43 -44.73 -4.90 12.60
N MET B 44 -44.89 -5.71 13.64
CA MET B 44 -45.93 -5.49 14.64
C MET B 44 -45.58 -4.37 15.62
N ALA B 45 -44.35 -4.40 16.13
CA ALA B 45 -43.92 -3.37 17.08
C ALA B 45 -43.81 -2.01 16.37
N VAL B 46 -43.30 -2.01 15.14
CA VAL B 46 -43.15 -0.76 14.39
C VAL B 46 -44.52 -0.14 14.11
N GLN B 47 -45.52 -0.98 13.92
CA GLN B 47 -46.88 -0.51 13.67
C GLN B 47 -47.41 -0.03 15.02
N ARG B 48 -47.29 -0.90 16.02
CA ARG B 48 -47.75 -0.61 17.39
C ARG B 48 -47.30 0.75 17.88
N GLY B 49 -46.22 1.27 17.30
CA GLY B 49 -45.73 2.57 17.70
C GLY B 49 -45.94 3.59 16.59
N LEU B 50 -47.20 3.94 16.33
CA LEU B 50 -47.48 4.92 15.29
C LEU B 50 -48.66 5.85 15.61
N PRO B 57 -42.58 10.45 10.86
CA PRO B 57 -41.55 10.40 11.91
C PRO B 57 -40.29 9.55 11.62
N GLU B 58 -40.02 8.60 12.52
CA GLU B 58 -38.87 7.71 12.41
C GLU B 58 -39.39 6.31 12.59
N ALA B 59 -40.71 6.22 12.70
CA ALA B 59 -41.37 4.94 12.83
C ALA B 59 -41.43 4.41 11.39
N VAL B 60 -41.68 5.35 10.50
CA VAL B 60 -41.80 5.13 9.07
C VAL B 60 -40.56 4.44 8.53
N ALA B 61 -39.41 4.94 8.94
CA ALA B 61 -38.13 4.42 8.52
C ALA B 61 -37.91 2.94 8.84
N ARG B 62 -38.24 2.52 10.06
CA ARG B 62 -38.06 1.12 10.43
C ARG B 62 -38.96 0.19 9.63
N LEU B 63 -40.20 0.60 9.44
CA LEU B 63 -41.14 -0.18 8.66
C LEU B 63 -40.54 -0.28 7.27
N GLY B 64 -40.02 0.83 6.78
CA GLY B 64 -39.39 0.85 5.47
C GLY B 64 -38.25 -0.17 5.42
N ARG B 65 -37.46 -0.24 6.50
CA ARG B 65 -36.34 -1.17 6.57
C ARG B 65 -36.82 -2.61 6.66
N VAL B 66 -38.00 -2.81 7.24
CA VAL B 66 -38.56 -4.15 7.36
C VAL B 66 -38.82 -4.68 5.96
N ARG B 67 -39.52 -3.87 5.16
CA ARG B 67 -39.85 -4.23 3.80
C ARG B 67 -38.59 -4.55 3.01
N TRP B 68 -37.56 -3.74 3.17
CA TRP B 68 -36.29 -3.95 2.47
C TRP B 68 -35.74 -5.33 2.79
N THR B 69 -35.99 -5.79 4.00
CA THR B 69 -35.53 -7.11 4.42
C THR B 69 -36.35 -8.16 3.70
N GLN B 70 -37.63 -7.83 3.49
CA GLN B 70 -38.57 -8.73 2.82
C GLN B 70 -38.49 -8.60 1.29
N GLN B 71 -37.34 -8.15 0.80
CA GLN B 71 -37.12 -7.98 -0.62
C GLN B 71 -38.18 -7.13 -1.31
N ARG B 72 -39.11 -6.59 -0.54
CA ARG B 72 -40.16 -5.75 -1.10
C ARG B 72 -39.61 -4.34 -1.31
N HIS B 73 -38.48 -4.27 -2.02
CA HIS B 73 -37.77 -3.03 -2.30
C HIS B 73 -38.60 -1.83 -2.76
N ALA B 74 -39.53 -2.05 -3.68
CA ALA B 74 -40.37 -0.97 -4.18
C ALA B 74 -41.00 -0.21 -3.03
N GLU B 75 -41.69 -0.93 -2.16
CA GLU B 75 -42.36 -0.34 -1.02
C GLU B 75 -41.39 0.31 -0.05
N ALA B 76 -40.37 -0.43 0.36
CA ALA B 76 -39.38 0.08 1.29
C ALA B 76 -38.84 1.44 0.86
N ALA B 77 -38.69 1.64 -0.44
CA ALA B 77 -38.18 2.91 -0.95
C ALA B 77 -39.23 4.01 -0.76
N VAL B 78 -40.50 3.68 -0.95
CA VAL B 78 -41.57 4.66 -0.78
C VAL B 78 -41.64 5.11 0.68
N LEU B 79 -41.49 4.16 1.61
CA LEU B 79 -41.53 4.46 3.04
C LEU B 79 -40.33 5.31 3.47
N LEU B 80 -39.12 4.82 3.20
CA LEU B 80 -37.91 5.55 3.56
C LEU B 80 -37.85 6.89 2.82
N GLN B 81 -38.46 6.96 1.65
CA GLN B 81 -38.46 8.21 0.90
C GLN B 81 -39.28 9.22 1.70
N GLN B 82 -40.32 8.70 2.36
CA GLN B 82 -41.20 9.54 3.18
C GLN B 82 -40.45 9.99 4.43
N ALA B 83 -39.94 9.03 5.20
CA ALA B 83 -39.20 9.30 6.43
C ALA B 83 -38.01 10.22 6.21
N SER B 84 -37.49 10.23 4.99
CA SER B 84 -36.35 11.08 4.66
C SER B 84 -36.78 12.53 4.48
N ASP B 85 -37.99 12.75 4.01
CA ASP B 85 -38.48 14.12 3.80
C ASP B 85 -38.83 14.71 5.17
N ALA B 86 -39.22 13.83 6.09
CA ALA B 86 -39.61 14.22 7.45
C ALA B 86 -38.36 14.45 8.31
N ALA B 87 -37.20 14.19 7.71
CA ALA B 87 -35.91 14.36 8.39
C ALA B 87 -34.86 14.32 7.29
N PRO B 88 -34.74 15.40 6.51
CA PRO B 88 -33.76 15.48 5.42
C PRO B 88 -32.34 15.70 5.90
N GLU B 89 -32.11 15.47 7.19
CA GLU B 89 -30.79 15.63 7.75
C GLU B 89 -30.58 14.66 8.89
N HIS B 90 -30.90 13.42 8.58
CA HIS B 90 -30.75 12.31 9.50
C HIS B 90 -30.08 11.27 8.61
N PRO B 91 -28.78 11.07 8.80
CA PRO B 91 -28.02 10.09 7.99
C PRO B 91 -28.40 8.61 8.14
N GLY B 92 -28.91 8.22 9.30
CA GLY B 92 -29.31 6.84 9.47
C GLY B 92 -30.39 6.52 8.46
N ILE B 93 -31.31 7.47 8.27
CA ILE B 93 -32.42 7.33 7.34
C ILE B 93 -31.97 7.46 5.89
N ALA B 94 -31.08 8.41 5.60
CA ALA B 94 -30.59 8.61 4.25
C ALA B 94 -29.84 7.38 3.71
N LEU B 95 -29.07 6.73 4.57
CA LEU B 95 -28.33 5.54 4.16
C LEU B 95 -29.34 4.42 3.85
N TRP B 96 -30.24 4.17 4.79
CA TRP B 96 -31.26 3.13 4.64
C TRP B 96 -32.12 3.34 3.39
N LEU B 97 -32.41 4.60 3.09
CA LEU B 97 -33.21 4.94 1.92
C LEU B 97 -32.39 4.64 0.66
N GLY B 98 -31.08 4.88 0.76
CA GLY B 98 -30.19 4.64 -0.36
C GLY B 98 -30.15 3.17 -0.76
N HIS B 99 -30.01 2.30 0.24
CA HIS B 99 -29.99 0.85 0.01
C HIS B 99 -31.26 0.43 -0.73
N ALA B 100 -32.40 0.88 -0.22
CA ALA B 100 -33.68 0.54 -0.80
C ALA B 100 -33.78 1.00 -2.25
N LEU B 101 -33.40 2.25 -2.51
CA LEU B 101 -33.48 2.80 -3.86
C LEU B 101 -32.61 1.99 -4.83
N GLU B 102 -31.45 1.60 -4.34
CA GLU B 102 -30.51 0.82 -5.14
C GLU B 102 -31.15 -0.52 -5.49
N ASP B 103 -31.56 -1.25 -4.45
CA ASP B 103 -32.19 -2.56 -4.60
C ASP B 103 -33.55 -2.48 -5.28
N ALA B 104 -33.95 -1.28 -5.67
CA ALA B 104 -35.22 -1.10 -6.36
C ALA B 104 -34.92 -0.62 -7.78
N GLY B 105 -33.66 -0.76 -8.18
CA GLY B 105 -33.23 -0.37 -9.51
C GLY B 105 -33.12 1.11 -9.82
N GLN B 106 -33.39 1.96 -8.83
CA GLN B 106 -33.28 3.40 -9.06
C GLN B 106 -31.88 3.83 -8.66
N ALA B 107 -30.92 3.54 -9.52
CA ALA B 107 -29.52 3.82 -9.29
C ALA B 107 -29.13 5.27 -9.06
N GLU B 108 -29.49 6.13 -10.00
CA GLU B 108 -29.14 7.55 -9.91
C GLU B 108 -29.64 8.20 -8.62
N ALA B 109 -30.92 7.99 -8.30
CA ALA B 109 -31.50 8.56 -7.10
C ALA B 109 -30.79 7.97 -5.88
N ALA B 110 -30.59 6.66 -5.90
CA ALA B 110 -29.91 5.99 -4.79
C ALA B 110 -28.58 6.66 -4.51
N ALA B 111 -27.97 7.21 -5.55
CA ALA B 111 -26.69 7.89 -5.40
C ALA B 111 -26.83 9.08 -4.46
N ALA B 112 -27.67 10.04 -4.84
CA ALA B 112 -27.91 11.23 -4.04
C ALA B 112 -28.14 10.83 -2.59
N ALA B 113 -28.79 9.70 -2.39
CA ALA B 113 -29.07 9.23 -1.04
C ALA B 113 -27.77 9.03 -0.25
N TYR B 114 -26.80 8.35 -0.85
CA TYR B 114 -25.51 8.10 -0.17
C TYR B 114 -24.68 9.38 -0.10
N THR B 115 -24.73 10.20 -1.15
CA THR B 115 -23.96 11.43 -1.16
C THR B 115 -24.50 12.36 -0.08
N ARG B 116 -25.70 12.09 0.41
CA ARG B 116 -26.30 12.90 1.47
C ARG B 116 -25.94 12.32 2.83
N ALA B 117 -26.00 11.00 2.95
CA ALA B 117 -25.65 10.36 4.20
C ALA B 117 -24.17 10.59 4.45
N HIS B 118 -23.49 11.15 3.44
CA HIS B 118 -22.06 11.44 3.55
C HIS B 118 -21.84 12.85 4.11
N GLN B 119 -22.69 13.79 3.68
CA GLN B 119 -22.62 15.17 4.14
C GLN B 119 -22.89 15.21 5.63
N LEU B 120 -23.95 14.52 6.04
CA LEU B 120 -24.37 14.50 7.44
C LEU B 120 -23.51 13.67 8.39
N LEU B 121 -22.54 12.94 7.86
CA LEU B 121 -21.70 12.10 8.69
C LEU B 121 -20.44 11.84 7.89
N PRO B 122 -19.66 12.90 7.61
CA PRO B 122 -18.41 12.93 6.85
C PRO B 122 -17.27 12.02 7.32
N GLU B 123 -17.24 11.72 8.61
CA GLU B 123 -16.17 10.89 9.16
C GLU B 123 -16.49 9.39 9.28
N GLU B 124 -17.73 8.99 9.01
CA GLU B 124 -18.10 7.58 9.06
C GLU B 124 -17.59 6.96 7.76
N PRO B 125 -16.59 6.07 7.84
CA PRO B 125 -15.99 5.40 6.67
C PRO B 125 -16.88 4.39 5.99
N TYR B 126 -17.74 3.73 6.76
CA TYR B 126 -18.66 2.74 6.20
C TYR B 126 -19.52 3.38 5.11
N ILE B 127 -19.97 4.60 5.38
CA ILE B 127 -20.78 5.36 4.44
C ILE B 127 -19.95 5.83 3.26
N THR B 128 -18.73 6.27 3.55
CA THR B 128 -17.86 6.74 2.50
C THR B 128 -17.55 5.59 1.54
N ALA B 129 -17.22 4.42 2.09
CA ALA B 129 -16.94 3.25 1.26
C ALA B 129 -18.08 3.03 0.27
N GLN B 130 -19.32 2.91 0.76
CA GLN B 130 -20.46 2.69 -0.10
C GLN B 130 -20.69 3.79 -1.12
N LEU B 131 -20.50 5.03 -0.70
CA LEU B 131 -20.67 6.15 -1.61
C LEU B 131 -19.68 6.01 -2.76
N LEU B 132 -18.42 5.77 -2.41
CA LEU B 132 -17.37 5.65 -3.41
C LEU B 132 -17.67 4.57 -4.45
N ASN B 133 -18.05 3.39 -3.98
CA ASN B 133 -18.35 2.28 -4.87
C ASN B 133 -19.44 2.57 -5.87
N TRP B 134 -20.52 3.20 -5.40
CA TRP B 134 -21.63 3.53 -6.27
C TRP B 134 -21.27 4.64 -7.27
N ARG B 135 -20.39 5.56 -6.88
CA ARG B 135 -19.98 6.62 -7.78
C ARG B 135 -19.20 6.02 -8.94
N ARG B 136 -18.32 5.08 -8.64
CA ARG B 136 -17.51 4.43 -9.66
C ARG B 136 -18.39 3.73 -10.67
N ARG B 137 -19.37 2.99 -10.17
CA ARG B 137 -20.32 2.28 -11.02
C ARG B 137 -21.09 3.20 -11.92
N LEU B 138 -21.24 4.46 -11.49
CA LEU B 138 -21.96 5.45 -12.28
C LEU B 138 -21.04 6.40 -13.01
N CYS B 139 -19.73 6.19 -12.82
CA CYS B 139 -18.70 7.01 -13.45
C CYS B 139 -18.83 8.46 -13.04
N ASP B 140 -19.19 8.67 -11.78
CA ASP B 140 -19.32 9.99 -11.18
C ASP B 140 -17.98 10.15 -10.48
N TRP B 141 -17.07 10.93 -11.07
CA TRP B 141 -15.75 11.09 -10.46
C TRP B 141 -15.54 12.34 -9.62
N ARG B 142 -16.63 12.91 -9.09
CA ARG B 142 -16.51 14.09 -8.26
C ARG B 142 -15.84 13.76 -6.93
N ALA B 143 -14.75 14.45 -6.64
CA ALA B 143 -14.00 14.26 -5.41
C ALA B 143 -13.53 12.83 -5.31
N LEU B 144 -13.28 12.23 -6.47
CA LEU B 144 -12.84 10.84 -6.52
C LEU B 144 -11.59 10.56 -5.70
N ASP B 145 -10.53 11.31 -5.92
CA ASP B 145 -9.29 11.11 -5.19
C ASP B 145 -9.47 11.23 -3.68
N VAL B 146 -10.33 12.14 -3.22
CA VAL B 146 -10.54 12.32 -1.79
C VAL B 146 -11.29 11.14 -1.16
N LEU B 147 -12.34 10.67 -1.82
CA LEU B 147 -13.10 9.53 -1.31
C LEU B 147 -12.19 8.31 -1.28
N SER B 148 -11.46 8.11 -2.38
CA SER B 148 -10.54 6.99 -2.50
C SER B 148 -9.55 7.01 -1.34
N ALA B 149 -8.99 8.18 -1.04
CA ALA B 149 -8.02 8.29 0.05
C ALA B 149 -8.63 7.92 1.39
N GLN B 150 -9.84 8.42 1.66
CA GLN B 150 -10.50 8.10 2.92
C GLN B 150 -10.67 6.60 3.07
N VAL B 151 -11.15 5.95 2.01
CA VAL B 151 -11.39 4.51 2.04
C VAL B 151 -10.10 3.71 2.23
N ARG B 152 -9.04 4.08 1.51
CA ARG B 152 -7.77 3.37 1.65
C ARG B 152 -7.28 3.59 3.05
N ALA B 153 -7.45 4.82 3.53
CA ALA B 153 -7.06 5.16 4.87
C ALA B 153 -7.86 4.32 5.84
N ALA B 154 -9.17 4.18 5.59
CA ALA B 154 -10.04 3.38 6.45
C ALA B 154 -9.52 1.95 6.55
N VAL B 155 -9.12 1.41 5.40
CA VAL B 155 -8.59 0.06 5.32
C VAL B 155 -7.35 -0.10 6.20
N ALA B 156 -6.52 0.93 6.22
CA ALA B 156 -5.28 0.93 6.99
C ALA B 156 -5.53 0.98 8.51
N GLN B 157 -6.60 1.66 8.91
CA GLN B 157 -6.94 1.76 10.32
C GLN B 157 -7.69 0.50 10.71
N GLY B 158 -8.06 -0.30 9.70
CA GLY B 158 -8.78 -1.53 9.94
C GLY B 158 -10.24 -1.32 10.28
N VAL B 159 -10.72 -0.11 10.06
CA VAL B 159 -12.09 0.21 10.36
C VAL B 159 -12.84 0.40 9.04
N GLY B 160 -14.05 0.95 9.09
CA GLY B 160 -14.82 1.19 7.88
C GLY B 160 -15.48 -0.03 7.24
N ALA B 161 -14.97 -1.22 7.55
CA ALA B 161 -15.50 -2.45 6.98
C ALA B 161 -15.79 -2.31 5.49
N VAL B 162 -14.78 -1.91 4.73
CA VAL B 162 -14.93 -1.76 3.29
C VAL B 162 -14.89 -3.14 2.64
N GLU B 163 -15.62 -3.27 1.54
CA GLU B 163 -15.73 -4.53 0.81
C GLU B 163 -14.51 -4.85 -0.07
N PRO B 164 -13.86 -6.00 0.16
CA PRO B 164 -12.68 -6.42 -0.60
C PRO B 164 -12.88 -6.37 -2.11
N PHE B 165 -14.05 -6.77 -2.59
CA PHE B 165 -14.29 -6.74 -4.02
C PHE B 165 -14.37 -5.31 -4.54
N ALA B 166 -14.95 -4.44 -3.73
CA ALA B 166 -15.09 -3.04 -4.11
C ALA B 166 -13.74 -2.36 -4.14
N PHE B 167 -12.87 -2.75 -3.22
CA PHE B 167 -11.53 -2.18 -3.11
C PHE B 167 -10.64 -2.49 -4.32
N LEU B 168 -11.00 -3.51 -5.09
CA LEU B 168 -10.23 -3.91 -6.27
C LEU B 168 -10.28 -2.81 -7.31
N SER B 169 -11.25 -1.91 -7.19
CA SER B 169 -11.37 -0.82 -8.15
C SER B 169 -10.51 0.37 -7.78
N GLU B 170 -9.91 0.31 -6.59
CA GLU B 170 -9.04 1.41 -6.12
C GLU B 170 -7.59 1.21 -6.53
N ASP B 171 -6.85 2.31 -6.48
CA ASP B 171 -5.43 2.30 -6.84
C ASP B 171 -4.55 1.91 -5.64
N ALA B 172 -4.99 0.87 -4.93
CA ALA B 172 -4.27 0.35 -3.76
C ALA B 172 -3.30 -0.75 -4.18
N SER B 173 -2.25 -0.94 -3.39
CA SER B 173 -1.24 -1.95 -3.68
C SER B 173 -1.71 -3.31 -3.21
N ALA B 174 -0.92 -4.33 -3.51
CA ALA B 174 -1.23 -5.69 -3.08
C ALA B 174 -1.22 -5.73 -1.56
N ALA B 175 -0.41 -4.86 -0.96
CA ALA B 175 -0.33 -4.80 0.49
C ALA B 175 -1.67 -4.32 1.08
N GLU B 176 -2.21 -3.23 0.54
CA GLU B 176 -3.47 -2.68 1.01
C GLU B 176 -4.60 -3.71 0.84
N GLN B 177 -4.62 -4.39 -0.30
CA GLN B 177 -5.63 -5.40 -0.57
C GLN B 177 -5.60 -6.51 0.49
N LEU B 178 -4.41 -6.99 0.83
CA LEU B 178 -4.27 -8.04 1.83
C LEU B 178 -4.86 -7.60 3.17
N ALA B 179 -4.59 -6.36 3.55
CA ALA B 179 -5.11 -5.83 4.80
C ALA B 179 -6.61 -5.82 4.77
N CYS B 180 -7.16 -5.30 3.68
CA CYS B 180 -8.60 -5.21 3.49
C CYS B 180 -9.29 -6.55 3.66
N ALA B 181 -8.76 -7.56 3.00
CA ALA B 181 -9.31 -8.93 3.04
C ALA B 181 -9.25 -9.58 4.44
N ARG B 182 -8.07 -9.54 5.05
CA ARG B 182 -7.82 -10.10 6.40
C ARG B 182 -8.82 -9.57 7.40
N THR B 183 -9.02 -8.25 7.36
CA THR B 183 -9.93 -7.61 8.29
C THR B 183 -11.32 -8.23 8.18
N ARG B 184 -11.85 -8.37 6.96
CA ARG B 184 -13.16 -8.98 6.76
C ARG B 184 -13.13 -10.45 7.20
N ALA B 185 -12.07 -11.15 6.83
CA ALA B 185 -11.93 -12.56 7.18
C ALA B 185 -11.90 -12.78 8.69
N GLN B 186 -11.06 -12.01 9.38
CA GLN B 186 -10.91 -12.13 10.83
C GLN B 186 -12.21 -11.87 11.60
N ALA B 187 -13.06 -11.00 11.09
CA ALA B 187 -14.32 -10.72 11.75
C ALA B 187 -15.20 -11.96 11.60
N ILE B 188 -15.33 -12.43 10.36
CA ILE B 188 -16.13 -13.60 10.07
C ILE B 188 -15.62 -14.77 10.89
N ALA B 189 -14.29 -14.93 10.91
CA ALA B 189 -13.64 -16.01 11.63
C ALA B 189 -14.01 -16.00 13.12
N ALA B 190 -14.19 -14.80 13.65
CA ALA B 190 -14.54 -14.62 15.06
C ALA B 190 -15.94 -15.15 15.39
N SER B 191 -16.91 -14.80 14.56
CA SER B 191 -18.30 -15.20 14.77
C SER B 191 -18.65 -16.63 14.37
N VAL B 192 -17.65 -17.48 14.15
CA VAL B 192 -17.98 -18.82 13.72
C VAL B 192 -17.17 -19.94 14.35
N ARG B 193 -17.85 -21.04 14.67
CA ARG B 193 -17.21 -22.20 15.26
C ARG B 193 -17.12 -23.31 14.22
N PRO B 194 -15.90 -23.59 13.73
CA PRO B 194 -15.61 -24.61 12.73
C PRO B 194 -16.15 -25.99 13.06
N LEU B 195 -16.58 -26.72 12.03
CA LEU B 195 -17.08 -28.07 12.17
C LEU B 195 -15.96 -28.96 12.72
N ALA B 196 -16.28 -30.21 12.99
CA ALA B 196 -15.29 -31.15 13.49
C ALA B 196 -14.26 -31.31 12.36
N PRO B 197 -12.98 -31.39 12.70
CA PRO B 197 -11.92 -31.55 11.70
C PRO B 197 -11.90 -32.94 11.03
N THR B 198 -11.55 -32.98 9.74
CA THR B 198 -11.45 -34.25 9.01
C THR B 198 -10.19 -34.22 8.15
N ARG B 199 -10.01 -35.23 7.31
CA ARG B 199 -8.81 -35.30 6.46
C ARG B 199 -9.13 -35.80 5.05
N VAL B 200 -8.16 -35.68 4.15
CA VAL B 200 -8.35 -36.17 2.80
C VAL B 200 -8.44 -37.67 2.99
N ARG B 201 -9.24 -38.35 2.19
CA ARG B 201 -9.45 -39.79 2.35
C ARG B 201 -8.30 -40.83 2.33
N SER B 202 -7.30 -40.65 1.46
CA SER B 202 -6.19 -41.62 1.35
C SER B 202 -6.68 -42.92 0.68
N LYS B 203 -7.97 -42.97 0.39
CA LYS B 203 -8.60 -44.13 -0.25
C LYS B 203 -8.88 -43.90 -1.75
N GLY B 204 -9.34 -42.70 -2.09
CA GLY B 204 -9.66 -42.35 -3.48
C GLY B 204 -10.87 -43.18 -3.90
N PRO B 205 -11.65 -42.75 -4.91
CA PRO B 205 -11.56 -41.54 -5.72
C PRO B 205 -11.58 -40.26 -4.90
N LEU B 206 -10.95 -39.23 -5.44
CA LEU B 206 -10.87 -37.93 -4.80
C LEU B 206 -12.14 -37.15 -5.12
N ARG B 207 -12.72 -36.54 -4.10
CA ARG B 207 -13.95 -35.76 -4.31
C ARG B 207 -13.65 -34.28 -4.21
N VAL B 208 -13.75 -33.61 -5.34
CA VAL B 208 -13.47 -32.19 -5.41
C VAL B 208 -14.75 -31.39 -5.51
N GLY B 209 -14.93 -30.42 -4.61
CA GLY B 209 -16.12 -29.61 -4.62
C GLY B 209 -15.87 -28.17 -5.03
N PHE B 210 -16.89 -27.54 -5.62
CA PHE B 210 -16.82 -26.17 -6.09
C PHE B 210 -18.08 -25.42 -5.65
N VAL B 211 -17.90 -24.31 -4.93
CA VAL B 211 -19.04 -23.53 -4.46
C VAL B 211 -19.12 -22.21 -5.23
N SER B 212 -20.27 -21.93 -5.85
CA SER B 212 -20.44 -20.68 -6.58
C SER B 212 -21.90 -20.32 -6.74
N ASN B 213 -22.16 -19.06 -7.05
CA ASN B 213 -23.51 -18.54 -7.24
C ASN B 213 -23.56 -18.22 -8.73
N GLY B 214 -22.46 -18.55 -9.41
CA GLY B 214 -22.35 -18.26 -10.81
C GLY B 214 -22.44 -19.42 -11.79
N PHE B 215 -23.03 -20.54 -11.38
CA PHE B 215 -23.16 -21.65 -12.29
C PHE B 215 -24.24 -21.46 -13.35
N GLY B 216 -23.81 -20.90 -14.49
CA GLY B 216 -24.69 -20.66 -15.62
C GLY B 216 -25.08 -19.24 -15.91
N ALA B 217 -24.56 -18.66 -16.99
CA ALA B 217 -24.89 -17.28 -17.41
C ALA B 217 -24.29 -16.29 -16.43
N HIS B 218 -23.06 -16.57 -16.03
CA HIS B 218 -22.33 -15.74 -15.09
C HIS B 218 -20.88 -16.11 -15.40
N PRO B 219 -19.94 -15.18 -15.19
CA PRO B 219 -18.53 -15.46 -15.47
C PRO B 219 -18.05 -16.84 -15.02
N THR B 220 -18.22 -17.14 -13.74
CA THR B 220 -17.76 -18.41 -13.18
C THR B 220 -18.17 -19.64 -13.97
N GLY B 221 -19.46 -19.76 -14.26
CA GLY B 221 -19.92 -20.91 -15.01
C GLY B 221 -19.38 -20.87 -16.42
N LEU B 222 -19.37 -19.69 -17.00
CA LEU B 222 -18.89 -19.49 -18.35
C LEU B 222 -17.42 -19.90 -18.51
N LEU B 223 -16.62 -19.69 -17.48
CA LEU B 223 -15.20 -20.04 -17.55
C LEU B 223 -14.89 -21.51 -17.29
N THR B 224 -15.73 -22.17 -16.49
CA THR B 224 -15.46 -23.56 -16.17
C THR B 224 -16.16 -24.70 -16.91
N VAL B 225 -17.24 -24.42 -17.65
CA VAL B 225 -17.95 -25.53 -18.33
C VAL B 225 -17.08 -26.47 -19.16
N ALA B 226 -16.28 -25.90 -20.07
CA ALA B 226 -15.42 -26.70 -20.91
C ALA B 226 -14.45 -27.53 -20.06
N LEU B 227 -13.97 -26.96 -18.96
CA LEU B 227 -13.04 -27.66 -18.08
C LEU B 227 -13.71 -28.87 -17.43
N PHE B 228 -14.90 -28.67 -16.88
CA PHE B 228 -15.60 -29.76 -16.24
C PHE B 228 -15.98 -30.84 -17.23
N GLU B 229 -16.33 -30.44 -18.46
CA GLU B 229 -16.68 -31.41 -19.48
C GLU B 229 -15.44 -32.22 -19.85
N ALA B 230 -14.30 -31.54 -19.92
CA ALA B 230 -13.04 -32.20 -20.23
C ALA B 230 -12.62 -33.14 -19.08
N LEU B 231 -12.75 -32.68 -17.85
CA LEU B 231 -12.40 -33.49 -16.69
C LEU B 231 -13.26 -34.75 -16.60
N GLN B 232 -14.57 -34.61 -16.81
CA GLN B 232 -15.47 -35.75 -16.76
C GLN B 232 -15.01 -36.83 -17.73
N ARG B 233 -14.58 -36.38 -18.91
CA ARG B 233 -14.15 -37.28 -19.96
C ARG B 233 -12.69 -37.76 -19.85
N ARG B 234 -11.81 -36.92 -19.31
CA ARG B 234 -10.41 -37.29 -19.22
C ARG B 234 -9.84 -37.63 -17.84
N GLN B 235 -10.65 -37.54 -16.80
CA GLN B 235 -10.19 -37.84 -15.45
C GLN B 235 -11.36 -38.41 -14.68
N PRO B 236 -11.92 -39.53 -15.16
CA PRO B 236 -13.07 -40.19 -14.53
C PRO B 236 -12.78 -40.56 -13.10
N ASP B 237 -11.49 -40.73 -12.81
CA ASP B 237 -11.02 -41.07 -11.48
C ASP B 237 -11.34 -39.96 -10.46
N LEU B 238 -11.40 -38.72 -10.95
CA LEU B 238 -11.72 -37.55 -10.11
C LEU B 238 -13.21 -37.24 -10.08
N GLN B 239 -13.81 -37.34 -8.90
CA GLN B 239 -15.24 -37.11 -8.71
C GLN B 239 -15.60 -35.64 -8.46
N MET B 240 -16.11 -34.98 -9.50
CA MET B 240 -16.50 -33.57 -9.43
C MET B 240 -17.87 -33.27 -8.79
N HIS B 241 -17.88 -32.36 -7.82
CA HIS B 241 -19.10 -31.95 -7.13
C HIS B 241 -19.26 -30.42 -7.17
N LEU B 242 -20.38 -29.96 -7.71
CA LEU B 242 -20.64 -28.53 -7.78
C LEU B 242 -21.71 -28.18 -6.76
N PHE B 243 -21.40 -27.25 -5.88
CA PHE B 243 -22.34 -26.78 -4.87
C PHE B 243 -22.86 -25.40 -5.25
N ALA B 244 -23.91 -25.40 -6.08
CA ALA B 244 -24.53 -24.17 -6.58
C ALA B 244 -25.39 -23.46 -5.54
N THR B 245 -25.13 -22.17 -5.34
CA THR B 245 -25.88 -21.37 -4.39
C THR B 245 -26.90 -20.49 -5.11
N SER B 246 -27.21 -20.85 -6.35
CA SER B 246 -28.21 -20.14 -7.15
C SER B 246 -29.06 -21.19 -7.87
N GLY B 247 -30.33 -20.87 -8.11
CA GLY B 247 -31.20 -21.83 -8.77
C GLY B 247 -30.94 -21.92 -10.25
N ASP B 248 -31.63 -22.84 -10.91
CA ASP B 248 -31.48 -22.99 -12.35
C ASP B 248 -32.03 -21.73 -13.01
N ASP B 249 -31.24 -21.12 -13.90
CA ASP B 249 -31.68 -19.90 -14.57
C ASP B 249 -32.15 -20.19 -15.99
N GLY B 250 -32.12 -21.46 -16.38
CA GLY B 250 -32.54 -21.85 -17.71
C GLY B 250 -31.49 -21.74 -18.79
N SER B 251 -30.27 -21.38 -18.42
CA SER B 251 -29.20 -21.24 -19.41
C SER B 251 -28.60 -22.57 -19.83
N THR B 252 -28.01 -22.59 -21.01
CA THR B 252 -27.38 -23.83 -21.47
C THR B 252 -26.25 -24.18 -20.52
N LEU B 253 -25.52 -23.17 -20.08
CA LEU B 253 -24.41 -23.38 -19.17
C LEU B 253 -24.81 -24.16 -17.93
N ARG B 254 -25.86 -23.72 -17.25
CA ARG B 254 -26.29 -24.42 -16.04
C ARG B 254 -26.56 -25.89 -16.34
N THR B 255 -27.19 -26.14 -17.48
CA THR B 255 -27.53 -27.50 -17.90
C THR B 255 -26.29 -28.33 -18.19
N ARG B 256 -25.32 -27.73 -18.88
CA ARG B 256 -24.08 -28.42 -19.21
C ARG B 256 -23.29 -28.73 -17.95
N LEU B 257 -23.27 -27.79 -17.01
CA LEU B 257 -22.54 -28.02 -15.77
C LEU B 257 -23.21 -29.17 -15.01
N ALA B 258 -24.54 -29.15 -14.99
CA ALA B 258 -25.31 -30.16 -14.28
C ALA B 258 -25.00 -31.57 -14.76
N GLN B 259 -24.80 -31.74 -16.07
CA GLN B 259 -24.53 -33.07 -16.59
C GLN B 259 -23.06 -33.32 -16.88
N ALA B 260 -22.19 -32.54 -16.26
CA ALA B 260 -20.76 -32.73 -16.45
C ALA B 260 -20.17 -32.81 -15.04
N SER B 261 -21.05 -33.04 -14.08
CA SER B 261 -20.67 -33.15 -12.68
C SER B 261 -21.94 -33.47 -11.90
N THR B 262 -21.80 -33.58 -10.59
CA THR B 262 -22.92 -33.81 -9.71
C THR B 262 -23.17 -32.42 -9.16
N LEU B 263 -24.26 -31.78 -9.60
CA LEU B 263 -24.56 -30.42 -9.17
C LEU B 263 -25.60 -30.40 -8.07
N HIS B 264 -25.20 -29.88 -6.91
CA HIS B 264 -26.07 -29.77 -5.75
C HIS B 264 -26.66 -28.36 -5.67
N ASP B 265 -27.96 -28.23 -5.68
CA ASP B 265 -28.56 -26.92 -5.56
C ASP B 265 -28.76 -26.67 -4.06
N VAL B 266 -27.81 -26.01 -3.42
CA VAL B 266 -27.92 -25.73 -2.00
C VAL B 266 -28.35 -24.28 -1.80
N THR B 267 -29.03 -23.75 -2.80
CA THR B 267 -29.50 -22.38 -2.76
C THR B 267 -30.37 -22.01 -1.54
N ALA B 268 -31.14 -22.97 -1.02
CA ALA B 268 -32.01 -22.68 0.11
C ALA B 268 -31.44 -22.93 1.51
N LEU B 269 -30.27 -23.55 1.60
CA LEU B 269 -29.67 -23.83 2.90
C LEU B 269 -28.98 -22.62 3.50
N GLY B 270 -28.92 -22.56 4.83
CA GLY B 270 -28.24 -21.47 5.51
C GLY B 270 -26.76 -21.82 5.47
N HIS B 271 -25.90 -20.97 5.99
CA HIS B 271 -24.49 -21.30 5.92
C HIS B 271 -24.09 -22.58 6.68
N LEU B 272 -24.71 -22.82 7.83
CA LEU B 272 -24.36 -24.03 8.58
C LEU B 272 -24.82 -25.28 7.88
N ALA B 273 -26.07 -25.30 7.43
CA ALA B 273 -26.60 -26.46 6.71
C ALA B 273 -25.73 -26.76 5.49
N THR B 274 -25.39 -25.71 4.74
CA THR B 274 -24.57 -25.87 3.56
C THR B 274 -23.22 -26.45 3.90
N ALA B 275 -22.65 -26.00 5.01
CA ALA B 275 -21.35 -26.50 5.43
C ALA B 275 -21.50 -27.98 5.73
N LYS B 276 -22.50 -28.34 6.54
CA LYS B 276 -22.73 -29.73 6.90
C LYS B 276 -23.03 -30.58 5.66
N HIS B 277 -23.67 -29.98 4.66
CA HIS B 277 -23.99 -30.71 3.44
C HIS B 277 -22.73 -31.08 2.67
N ILE B 278 -21.80 -30.14 2.54
CA ILE B 278 -20.55 -30.42 1.83
C ILE B 278 -19.82 -31.49 2.63
N ARG B 279 -19.78 -31.34 3.94
CA ARG B 279 -19.14 -32.30 4.82
C ARG B 279 -19.78 -33.68 4.63
N HIS B 280 -21.11 -33.72 4.51
CA HIS B 280 -21.83 -34.98 4.33
C HIS B 280 -21.38 -35.72 3.08
N HIS B 281 -20.86 -35.02 2.09
CA HIS B 281 -20.43 -35.68 0.86
C HIS B 281 -18.93 -36.01 0.85
N GLY B 282 -18.28 -35.76 1.99
CA GLY B 282 -16.86 -36.04 2.13
C GLY B 282 -15.97 -35.38 1.10
N ILE B 283 -16.19 -34.09 0.84
CA ILE B 283 -15.36 -33.38 -0.13
C ILE B 283 -13.96 -33.27 0.44
N ASP B 284 -12.96 -33.57 -0.37
CA ASP B 284 -11.58 -33.51 0.07
C ASP B 284 -10.92 -32.18 -0.31
N LEU B 285 -11.10 -31.78 -1.56
CA LEU B 285 -10.56 -30.52 -2.04
C LEU B 285 -11.78 -29.66 -2.41
N LEU B 286 -11.98 -28.57 -1.66
CA LEU B 286 -13.10 -27.66 -1.90
C LEU B 286 -12.61 -26.32 -2.46
N PHE B 287 -13.17 -25.89 -3.58
CA PHE B 287 -12.78 -24.63 -4.18
C PHE B 287 -13.82 -23.52 -3.99
N ASP B 288 -13.35 -22.31 -3.65
CA ASP B 288 -14.25 -21.18 -3.48
C ASP B 288 -14.31 -20.42 -4.80
N LEU B 289 -15.38 -20.64 -5.56
CA LEU B 289 -15.55 -19.96 -6.84
C LEU B 289 -16.49 -18.78 -6.73
N ALA B 290 -16.60 -18.19 -5.54
CA ALA B 290 -17.45 -17.04 -5.32
C ALA B 290 -16.56 -15.95 -4.76
N GLY B 291 -15.73 -16.31 -3.78
CA GLY B 291 -14.82 -15.35 -3.17
C GLY B 291 -15.57 -14.19 -2.54
N TRP B 292 -14.86 -13.12 -2.21
CA TRP B 292 -15.53 -11.96 -1.64
C TRP B 292 -16.40 -11.30 -2.71
N GLY B 293 -17.60 -10.88 -2.33
CA GLY B 293 -18.50 -10.27 -3.31
C GLY B 293 -19.20 -11.30 -4.17
N GLY B 294 -20.41 -10.97 -4.64
CA GLY B 294 -21.15 -11.90 -5.46
C GLY B 294 -21.73 -13.06 -4.65
N GLY B 295 -22.50 -12.73 -3.62
CA GLY B 295 -23.09 -13.77 -2.79
C GLY B 295 -22.00 -14.41 -1.96
N GLY B 296 -21.36 -15.42 -2.52
CA GLY B 296 -20.21 -16.05 -1.88
C GLY B 296 -20.48 -16.94 -0.68
N ARG B 297 -21.24 -16.44 0.29
CA ARG B 297 -21.49 -17.22 1.48
C ARG B 297 -20.18 -17.48 2.16
N PRO B 298 -19.59 -16.46 2.77
CA PRO B 298 -18.28 -16.61 3.40
C PRO B 298 -18.29 -17.52 4.61
N GLU B 299 -19.34 -17.52 5.43
CA GLU B 299 -19.36 -18.40 6.59
C GLU B 299 -19.23 -19.87 6.23
N VAL B 300 -19.84 -20.27 5.13
CA VAL B 300 -19.77 -21.65 4.70
C VAL B 300 -18.34 -22.15 4.67
N PHE B 301 -17.42 -21.29 4.24
CA PHE B 301 -16.01 -21.67 4.16
C PHE B 301 -15.29 -21.57 5.50
N ALA B 302 -15.78 -20.67 6.35
CA ALA B 302 -15.21 -20.50 7.68
C ALA B 302 -15.47 -21.75 8.50
N LEU B 303 -16.62 -22.39 8.27
CA LEU B 303 -16.98 -23.61 8.97
C LEU B 303 -16.04 -24.79 8.64
N ARG B 304 -15.08 -24.57 7.75
CA ARG B 304 -14.11 -25.60 7.35
C ARG B 304 -14.71 -26.98 7.11
N PRO B 305 -15.69 -27.08 6.19
CA PRO B 305 -16.33 -28.38 5.90
C PRO B 305 -15.43 -29.37 5.14
N ALA B 306 -14.31 -28.89 4.63
CA ALA B 306 -13.39 -29.75 3.89
C ALA B 306 -11.95 -29.59 4.36
N PRO B 307 -11.22 -30.71 4.47
CA PRO B 307 -9.82 -30.65 4.91
C PRO B 307 -8.96 -29.64 4.15
N VAL B 308 -9.11 -29.58 2.83
CA VAL B 308 -8.32 -28.65 2.02
C VAL B 308 -9.22 -27.71 1.22
N GLN B 309 -9.09 -26.41 1.48
CA GLN B 309 -9.88 -25.41 0.78
C GLN B 309 -9.01 -24.52 -0.11
N VAL B 310 -9.42 -24.38 -1.37
CA VAL B 310 -8.67 -23.61 -2.35
C VAL B 310 -9.38 -22.38 -2.90
N ASN B 311 -8.63 -21.30 -3.04
CA ASN B 311 -9.14 -20.04 -3.60
C ASN B 311 -8.70 -20.03 -5.05
N TRP B 312 -9.66 -19.93 -5.94
CA TRP B 312 -9.33 -19.95 -7.35
C TRP B 312 -10.38 -19.35 -8.23
N LEU B 313 -9.92 -18.51 -9.14
CA LEU B 313 -10.82 -18.01 -10.17
C LEU B 313 -12.17 -17.36 -9.89
N ALA B 314 -12.42 -16.87 -8.69
CA ALA B 314 -13.55 -15.97 -8.51
C ALA B 314 -13.13 -14.57 -8.12
N TYR B 315 -12.49 -14.46 -6.97
CA TYR B 315 -12.04 -13.17 -6.49
C TYR B 315 -10.58 -13.04 -6.93
N PRO B 316 -10.26 -12.03 -7.75
CA PRO B 316 -8.89 -11.84 -8.24
C PRO B 316 -7.93 -11.22 -7.23
N GLY B 317 -7.87 -11.81 -6.05
CA GLY B 317 -6.95 -11.32 -5.03
C GLY B 317 -6.79 -12.34 -3.91
N THR B 318 -6.04 -11.97 -2.88
CA THR B 318 -5.86 -12.89 -1.77
C THR B 318 -7.11 -12.85 -0.91
N SER B 319 -7.55 -14.01 -0.44
CA SER B 319 -8.73 -14.08 0.41
C SER B 319 -8.35 -13.55 1.77
N GLY B 320 -7.06 -13.68 2.09
CA GLY B 320 -6.55 -13.24 3.37
C GLY B 320 -7.31 -13.90 4.51
N ALA B 321 -7.77 -15.12 4.30
CA ALA B 321 -8.53 -15.82 5.32
C ALA B 321 -7.81 -17.03 5.92
N PRO B 322 -7.97 -17.23 7.23
CA PRO B 322 -7.36 -18.32 7.99
C PRO B 322 -7.84 -19.70 7.55
N TRP B 323 -9.03 -19.73 6.97
CA TRP B 323 -9.64 -21.00 6.55
C TRP B 323 -9.33 -21.38 5.12
N MET B 324 -8.63 -20.50 4.40
CA MET B 324 -8.29 -20.77 3.01
C MET B 324 -6.84 -21.24 2.95
N ASP B 325 -6.64 -22.46 2.46
CA ASP B 325 -5.31 -23.05 2.38
C ASP B 325 -4.45 -22.65 1.19
N TYR B 326 -5.02 -22.71 -0.01
CA TYR B 326 -4.26 -22.38 -1.21
C TYR B 326 -4.97 -21.47 -2.19
N VAL B 327 -4.20 -20.88 -3.09
CA VAL B 327 -4.72 -20.03 -4.15
C VAL B 327 -4.11 -20.65 -5.37
N LEU B 328 -4.86 -20.67 -6.46
CA LEU B 328 -4.36 -21.23 -7.69
C LEU B 328 -4.18 -20.09 -8.68
N GLY B 329 -2.93 -19.74 -8.94
CA GLY B 329 -2.66 -18.67 -9.88
C GLY B 329 -1.77 -19.24 -10.97
N ASP B 330 -0.93 -18.40 -11.55
CA ASP B 330 0.01 -18.85 -12.58
C ASP B 330 1.27 -18.00 -12.49
N ALA B 331 2.31 -18.44 -13.19
CA ALA B 331 3.60 -17.76 -13.15
C ALA B 331 3.57 -16.27 -13.50
N PHE B 332 2.61 -15.87 -14.33
CA PHE B 332 2.54 -14.47 -14.74
C PHE B 332 1.68 -13.57 -13.87
N ALA B 333 0.42 -13.94 -13.69
CA ALA B 333 -0.50 -13.15 -12.90
C ALA B 333 -0.13 -13.13 -11.41
N LEU B 334 0.43 -14.23 -10.93
CA LEU B 334 0.81 -14.32 -9.51
C LEU B 334 2.26 -14.75 -9.41
N PRO B 335 3.20 -13.87 -9.83
CA PRO B 335 4.65 -14.13 -9.79
C PRO B 335 5.20 -14.15 -8.37
N PRO B 336 6.43 -14.70 -8.19
CA PRO B 336 7.07 -14.79 -6.87
C PRO B 336 7.05 -13.49 -6.05
N ALA B 337 7.32 -12.37 -6.73
CA ALA B 337 7.34 -11.06 -6.08
C ALA B 337 5.99 -10.70 -5.46
N LEU B 338 4.94 -11.40 -5.86
CA LEU B 338 3.61 -11.13 -5.34
C LEU B 338 3.17 -12.13 -4.28
N GLU B 339 3.78 -13.31 -4.26
CA GLU B 339 3.44 -14.34 -3.29
C GLU B 339 3.33 -13.90 -1.85
N PRO B 340 4.19 -12.96 -1.41
CA PRO B 340 4.13 -12.50 -0.01
C PRO B 340 2.79 -11.93 0.43
N PHE B 341 2.10 -11.29 -0.51
CA PHE B 341 0.82 -10.68 -0.22
C PHE B 341 -0.34 -11.64 -0.16
N TYR B 342 -0.12 -12.88 -0.57
CA TYR B 342 -1.18 -13.89 -0.51
C TYR B 342 -1.09 -14.65 0.79
N SER B 343 -2.15 -14.58 1.57
CA SER B 343 -2.20 -15.25 2.87
C SER B 343 -2.14 -16.76 2.71
N GLU B 344 -2.73 -17.26 1.63
CA GLU B 344 -2.74 -18.70 1.39
C GLU B 344 -1.50 -19.15 0.61
N HIS B 345 -1.19 -20.44 0.66
CA HIS B 345 -0.02 -20.98 -0.04
C HIS B 345 -0.32 -20.94 -1.53
N VAL B 346 0.60 -20.37 -2.31
CA VAL B 346 0.41 -20.25 -3.75
C VAL B 346 0.65 -21.51 -4.57
N LEU B 347 -0.32 -21.83 -5.43
CA LEU B 347 -0.23 -22.97 -6.34
C LEU B 347 -0.32 -22.40 -7.75
N ARG B 348 0.41 -23.00 -8.69
CA ARG B 348 0.34 -22.51 -10.06
C ARG B 348 0.14 -23.65 -11.06
N LEU B 349 -0.60 -23.35 -12.13
CA LEU B 349 -0.81 -24.31 -13.19
C LEU B 349 0.31 -24.05 -14.20
N GLN B 350 0.62 -25.00 -15.06
CA GLN B 350 1.68 -24.82 -16.05
C GLN B 350 1.41 -23.60 -16.93
N GLY B 351 0.20 -23.50 -17.46
CA GLY B 351 -0.13 -22.38 -18.32
C GLY B 351 -0.84 -21.27 -17.57
N ALA B 352 -1.77 -20.59 -18.23
CA ALA B 352 -2.52 -19.52 -17.59
C ALA B 352 -3.44 -20.14 -16.52
N PHE B 353 -3.81 -19.35 -15.51
CA PHE B 353 -4.66 -19.84 -14.42
C PHE B 353 -6.13 -19.97 -14.81
N GLN B 354 -6.52 -19.23 -15.85
CA GLN B 354 -7.89 -19.16 -16.29
C GLN B 354 -8.33 -20.08 -17.43
N PRO B 355 -9.36 -20.92 -17.18
CA PRO B 355 -9.84 -21.79 -18.25
C PRO B 355 -10.87 -20.99 -19.07
N SER B 356 -11.45 -21.60 -20.10
CA SER B 356 -12.42 -20.89 -20.92
C SER B 356 -13.33 -21.86 -21.67
N ASP B 357 -14.51 -21.39 -22.06
CA ASP B 357 -15.44 -22.24 -22.80
C ASP B 357 -15.03 -22.24 -24.26
N THR B 358 -14.23 -23.24 -24.62
CA THR B 358 -13.71 -23.37 -25.98
C THR B 358 -14.70 -24.00 -26.95
N SER B 359 -15.95 -24.16 -26.52
CA SER B 359 -16.99 -24.75 -27.37
C SER B 359 -17.87 -23.66 -27.96
N ARG B 360 -17.60 -22.41 -27.59
CA ARG B 360 -18.41 -21.29 -28.05
C ARG B 360 -18.20 -20.92 -29.51
N VAL B 361 -19.25 -21.03 -30.30
CA VAL B 361 -19.16 -20.64 -31.70
C VAL B 361 -19.49 -19.16 -31.70
N VAL B 362 -18.67 -18.39 -32.38
CA VAL B 362 -18.87 -16.95 -32.41
C VAL B 362 -19.63 -16.57 -33.67
N ALA B 363 -20.93 -16.30 -33.53
CA ALA B 363 -21.77 -15.94 -34.66
C ALA B 363 -21.43 -14.58 -35.26
N GLU B 364 -22.08 -14.27 -36.38
CA GLU B 364 -21.88 -13.01 -37.09
C GLU B 364 -22.76 -11.94 -36.49
N PRO B 365 -22.19 -10.76 -36.23
CA PRO B 365 -22.97 -9.67 -35.64
C PRO B 365 -23.76 -8.92 -36.70
N PRO B 366 -24.63 -7.99 -36.28
CA PRO B 366 -25.36 -7.25 -37.31
C PRO B 366 -24.33 -6.34 -37.94
N SER B 367 -24.68 -5.67 -39.03
CA SER B 367 -23.72 -4.78 -39.68
C SER B 367 -23.21 -3.73 -38.70
N ARG B 368 -22.12 -3.06 -39.05
CA ARG B 368 -21.57 -2.03 -38.18
C ARG B 368 -22.65 -0.99 -37.93
N THR B 369 -23.41 -0.66 -38.97
CA THR B 369 -24.47 0.34 -38.86
C THR B 369 -25.52 -0.06 -37.83
N GLN B 370 -26.01 -1.29 -37.95
CA GLN B 370 -27.02 -1.78 -37.02
C GLN B 370 -26.46 -1.90 -35.62
N CYS B 371 -25.15 -1.73 -35.48
CA CYS B 371 -24.49 -1.78 -34.18
C CYS B 371 -24.14 -0.37 -33.75
N GLY B 372 -24.71 0.61 -34.46
CA GLY B 372 -24.46 2.01 -34.15
C GLY B 372 -23.02 2.45 -34.38
N LEU B 373 -22.31 1.71 -35.22
CA LEU B 373 -20.90 1.99 -35.54
C LEU B 373 -20.70 2.56 -36.95
N PRO B 374 -19.84 3.59 -37.08
CA PRO B 374 -19.61 4.14 -38.42
C PRO B 374 -19.09 2.99 -39.30
N GLU B 375 -19.62 2.86 -40.52
CA GLU B 375 -19.19 1.78 -41.41
C GLU B 375 -17.72 1.83 -41.80
N GLN B 376 -17.11 3.00 -41.62
CA GLN B 376 -15.69 3.23 -41.93
C GLN B 376 -14.95 3.74 -40.70
N GLY B 377 -13.69 3.34 -40.55
CA GLY B 377 -12.92 3.79 -39.42
C GLY B 377 -12.53 2.66 -38.47
N VAL B 378 -11.46 2.87 -37.71
CA VAL B 378 -10.99 1.87 -36.77
C VAL B 378 -11.83 1.85 -35.49
N VAL B 379 -12.33 0.66 -35.15
CA VAL B 379 -13.15 0.48 -33.97
C VAL B 379 -12.32 -0.02 -32.80
N LEU B 380 -12.12 0.86 -31.82
CA LEU B 380 -11.40 0.51 -30.62
C LEU B 380 -12.47 0.17 -29.60
N CYS B 381 -12.28 -0.91 -28.85
CA CYS B 381 -13.30 -1.24 -27.87
C CYS B 381 -12.80 -1.69 -26.51
N CYS B 382 -13.70 -1.50 -25.53
CA CYS B 382 -13.47 -1.86 -24.14
C CYS B 382 -14.85 -2.14 -23.59
N PHE B 383 -15.16 -3.43 -23.40
CA PHE B 383 -16.46 -3.82 -22.90
C PHE B 383 -16.43 -4.13 -21.42
N ASN B 384 -15.56 -3.48 -20.67
CA ASN B 384 -15.50 -3.74 -19.24
C ASN B 384 -16.62 -3.11 -18.43
N ASN B 385 -16.84 -3.66 -17.26
CA ASN B 385 -17.86 -3.15 -16.34
C ASN B 385 -17.51 -1.69 -16.01
N SER B 386 -18.53 -0.86 -15.80
CA SER B 386 -18.34 0.56 -15.54
C SER B 386 -17.39 0.94 -14.41
N TYR B 387 -17.36 0.15 -13.35
CA TYR B 387 -16.47 0.48 -12.23
C TYR B 387 -14.98 0.31 -12.57
N LYS B 388 -14.68 -0.41 -13.65
CA LYS B 388 -13.31 -0.61 -14.10
C LYS B 388 -12.85 0.58 -14.97
N LEU B 389 -13.83 1.39 -15.37
CA LEU B 389 -13.63 2.57 -16.21
C LEU B 389 -13.36 3.78 -15.34
N ASN B 390 -12.14 3.94 -14.85
CA ASN B 390 -11.81 5.07 -13.99
C ASN B 390 -11.21 6.21 -14.82
N PRO B 391 -10.93 7.35 -14.17
CA PRO B 391 -10.34 8.49 -14.88
C PRO B 391 -9.11 8.10 -15.70
N GLN B 392 -8.17 7.43 -15.05
CA GLN B 392 -6.95 7.01 -15.71
C GLN B 392 -7.17 6.22 -17.00
N SER B 393 -7.95 5.15 -16.91
CA SER B 393 -8.21 4.29 -18.06
C SER B 393 -8.91 5.01 -19.19
N MET B 394 -9.89 5.86 -18.84
CA MET B 394 -10.64 6.61 -19.84
C MET B 394 -9.75 7.60 -20.58
N ALA B 395 -8.96 8.35 -19.82
CA ALA B 395 -8.03 9.33 -20.39
C ALA B 395 -7.18 8.61 -21.44
N ARG B 396 -6.66 7.45 -21.05
CA ARG B 396 -5.84 6.58 -21.90
C ARG B 396 -6.49 6.31 -23.25
N MET B 397 -7.72 5.80 -23.20
CA MET B 397 -8.44 5.47 -24.42
C MET B 397 -8.73 6.72 -25.24
N LEU B 398 -9.20 7.78 -24.60
CA LEU B 398 -9.48 9.03 -25.32
C LEU B 398 -8.21 9.55 -26.03
N ALA B 399 -7.06 9.45 -25.35
CA ALA B 399 -5.80 9.89 -25.95
C ALA B 399 -5.58 9.22 -27.31
N VAL B 400 -6.00 7.96 -27.45
CA VAL B 400 -5.83 7.26 -28.73
C VAL B 400 -6.76 7.84 -29.79
N LEU B 401 -8.01 8.10 -29.42
CA LEU B 401 -9.00 8.65 -30.35
C LEU B 401 -8.52 10.01 -30.88
N ARG B 402 -8.21 10.87 -29.93
CA ARG B 402 -7.75 12.23 -30.22
C ARG B 402 -6.60 12.27 -31.21
N GLU B 403 -5.74 11.26 -31.12
CA GLU B 403 -4.55 11.15 -31.95
C GLU B 403 -4.70 10.31 -33.21
N VAL B 404 -5.84 9.64 -33.36
CA VAL B 404 -6.09 8.81 -34.53
C VAL B 404 -7.49 9.12 -35.05
N PRO B 405 -7.58 10.00 -36.06
CA PRO B 405 -8.85 10.42 -36.68
C PRO B 405 -9.64 9.24 -37.23
N ASP B 406 -10.96 9.38 -37.28
CA ASP B 406 -11.81 8.32 -37.83
C ASP B 406 -12.03 7.11 -36.93
N SER B 407 -11.44 7.10 -35.75
CA SER B 407 -11.61 5.97 -34.85
C SER B 407 -12.71 6.31 -33.86
N VAL B 408 -13.32 5.26 -33.30
CA VAL B 408 -14.38 5.39 -32.31
C VAL B 408 -14.10 4.44 -31.15
N LEU B 409 -14.70 4.73 -30.01
CA LEU B 409 -14.53 3.92 -28.81
C LEU B 409 -15.86 3.26 -28.48
N TRP B 410 -15.91 1.93 -28.66
CA TRP B 410 -17.10 1.13 -28.40
C TRP B 410 -17.05 0.69 -26.93
N LEU B 411 -17.99 1.16 -26.14
CA LEU B 411 -18.02 0.80 -24.73
C LEU B 411 -19.30 0.08 -24.33
N LEU B 412 -19.25 -0.64 -23.22
CA LEU B 412 -20.43 -1.33 -22.72
C LEU B 412 -21.24 -0.30 -21.93
N SER B 413 -22.45 -0.03 -22.38
CA SER B 413 -23.32 0.94 -21.72
C SER B 413 -23.42 0.68 -20.21
N GLY B 414 -23.24 1.73 -19.42
CA GLY B 414 -23.29 1.59 -17.98
C GLY B 414 -24.63 1.95 -17.36
N PRO B 415 -24.76 1.78 -16.04
CA PRO B 415 -25.99 2.09 -15.29
C PRO B 415 -26.19 3.59 -15.11
N GLY B 416 -27.33 3.96 -14.54
CA GLY B 416 -27.63 5.37 -14.30
C GLY B 416 -27.32 6.24 -15.50
N GLU B 417 -26.61 7.34 -15.27
CA GLU B 417 -26.27 8.26 -16.34
C GLU B 417 -24.78 8.20 -16.62
N ALA B 418 -24.20 7.03 -16.41
CA ALA B 418 -22.79 6.81 -16.62
C ALA B 418 -22.36 7.21 -18.03
N ASP B 419 -23.12 6.75 -19.03
CA ASP B 419 -22.82 7.06 -20.43
C ASP B 419 -22.73 8.57 -20.64
N ALA B 420 -23.73 9.30 -20.12
CA ALA B 420 -23.77 10.76 -20.23
C ALA B 420 -22.51 11.36 -19.63
N ARG B 421 -22.16 10.94 -18.42
CA ARG B 421 -20.97 11.47 -17.76
C ARG B 421 -19.73 11.17 -18.60
N LEU B 422 -19.71 10.00 -19.22
CA LEU B 422 -18.58 9.61 -20.04
C LEU B 422 -18.48 10.45 -21.32
N ARG B 423 -19.60 10.70 -21.98
CA ARG B 423 -19.57 11.52 -23.20
C ARG B 423 -19.08 12.90 -22.80
N ALA B 424 -19.52 13.38 -21.64
CA ALA B 424 -19.09 14.68 -21.14
C ALA B 424 -17.58 14.69 -20.97
N PHE B 425 -17.07 13.75 -20.17
CA PHE B 425 -15.64 13.65 -19.92
C PHE B 425 -14.88 13.62 -21.25
N ALA B 426 -15.36 12.80 -22.18
CA ALA B 426 -14.72 12.67 -23.48
C ALA B 426 -14.56 14.05 -24.10
N HIS B 427 -15.65 14.81 -24.10
CA HIS B 427 -15.65 16.16 -24.66
C HIS B 427 -14.62 17.04 -23.94
N ALA B 428 -14.70 17.07 -22.62
CA ALA B 428 -13.78 17.86 -21.82
C ALA B 428 -12.34 17.43 -22.07
N GLN B 429 -12.18 16.27 -22.69
CA GLN B 429 -10.85 15.72 -22.96
C GLN B 429 -10.42 15.96 -24.41
N GLY B 430 -11.21 16.74 -25.14
CA GLY B 430 -10.86 17.03 -26.52
C GLY B 430 -11.26 16.01 -27.57
N VAL B 431 -12.36 15.32 -27.34
CA VAL B 431 -12.84 14.33 -28.30
C VAL B 431 -14.34 14.50 -28.50
N ASP B 432 -14.74 14.50 -29.77
CA ASP B 432 -16.15 14.62 -30.10
C ASP B 432 -16.92 13.48 -29.41
N ALA B 433 -17.67 13.83 -28.36
CA ALA B 433 -18.43 12.86 -27.58
C ALA B 433 -19.24 11.86 -28.40
N GLN B 434 -19.42 12.14 -29.68
CA GLN B 434 -20.20 11.27 -30.55
C GLN B 434 -19.37 10.14 -31.13
N ARG B 435 -18.09 10.09 -30.78
CA ARG B 435 -17.22 9.04 -31.27
C ARG B 435 -17.25 7.86 -30.29
N LEU B 436 -17.95 8.06 -29.18
CA LEU B 436 -18.13 7.03 -28.16
C LEU B 436 -19.44 6.33 -28.49
N VAL B 437 -19.39 5.02 -28.70
CA VAL B 437 -20.59 4.23 -29.00
C VAL B 437 -20.84 3.26 -27.85
N PHE B 438 -22.04 3.31 -27.28
CA PHE B 438 -22.39 2.45 -26.15
C PHE B 438 -23.31 1.28 -26.47
N MET B 439 -22.82 0.07 -26.23
CA MET B 439 -23.60 -1.14 -26.50
C MET B 439 -24.35 -1.58 -25.25
N PRO B 440 -25.61 -1.98 -25.42
CA PRO B 440 -26.44 -2.43 -24.28
C PRO B 440 -26.00 -3.84 -23.91
N LYS B 441 -26.16 -4.22 -22.66
CA LYS B 441 -25.78 -5.57 -22.25
C LYS B 441 -26.65 -6.53 -23.05
N LEU B 442 -26.01 -7.48 -23.74
CA LEU B 442 -26.71 -8.46 -24.56
C LEU B 442 -26.45 -9.89 -24.08
N PRO B 443 -27.29 -10.85 -24.51
CA PRO B 443 -27.09 -12.24 -24.10
C PRO B 443 -25.71 -12.66 -24.63
N HIS B 444 -24.95 -13.40 -23.83
CA HIS B 444 -23.61 -13.80 -24.23
C HIS B 444 -23.37 -14.12 -25.72
N PRO B 445 -24.15 -15.03 -26.29
CA PRO B 445 -23.92 -15.34 -27.70
C PRO B 445 -23.90 -14.10 -28.62
N GLN B 446 -24.87 -13.20 -28.43
CA GLN B 446 -24.96 -11.99 -29.24
C GLN B 446 -23.84 -11.00 -28.95
N TYR B 447 -23.49 -10.90 -27.67
CA TYR B 447 -22.41 -10.01 -27.25
C TYR B 447 -21.10 -10.50 -27.84
N LEU B 448 -20.83 -11.81 -27.73
CA LEU B 448 -19.60 -12.38 -28.26
C LEU B 448 -19.41 -12.01 -29.72
N ALA B 449 -20.48 -12.12 -30.50
CA ALA B 449 -20.44 -11.83 -31.93
C ALA B 449 -20.04 -10.39 -32.27
N ARG B 450 -20.29 -9.47 -31.34
CA ARG B 450 -19.97 -8.08 -31.57
C ARG B 450 -18.46 -7.87 -31.76
N TYR B 451 -17.65 -8.72 -31.13
CA TYR B 451 -16.20 -8.59 -31.22
C TYR B 451 -15.66 -8.62 -32.65
N ARG B 452 -16.39 -9.27 -33.54
CA ARG B 452 -15.95 -9.36 -34.91
C ARG B 452 -15.83 -7.97 -35.56
N HIS B 453 -16.51 -6.97 -35.00
CA HIS B 453 -16.42 -5.61 -35.52
C HIS B 453 -15.32 -4.82 -34.82
N ALA B 454 -14.74 -5.42 -33.78
CA ALA B 454 -13.69 -4.76 -33.03
C ALA B 454 -12.34 -4.97 -33.69
N ASP B 455 -11.49 -3.95 -33.63
CA ASP B 455 -10.17 -4.04 -34.22
C ASP B 455 -9.12 -4.19 -33.13
N LEU B 456 -9.42 -3.66 -31.94
CA LEU B 456 -8.47 -3.73 -30.84
C LEU B 456 -9.16 -3.50 -29.49
N PHE B 457 -8.94 -4.41 -28.55
CA PHE B 457 -9.54 -4.30 -27.22
C PHE B 457 -8.60 -3.51 -26.33
N LEU B 458 -9.07 -2.40 -25.76
CA LEU B 458 -8.23 -1.59 -24.88
C LEU B 458 -8.57 -1.94 -23.43
N ASP B 459 -7.62 -2.52 -22.72
CA ASP B 459 -7.83 -2.93 -21.32
C ASP B 459 -7.79 -1.78 -20.31
N THR B 460 -8.45 -1.98 -19.16
CA THR B 460 -8.51 -0.96 -18.12
C THR B 460 -7.56 -1.29 -16.99
N HIS B 461 -7.24 -0.28 -16.17
CA HIS B 461 -6.32 -0.43 -15.03
C HIS B 461 -6.88 0.35 -13.85
N PRO B 462 -6.69 -0.14 -12.61
CA PRO B 462 -6.00 -1.34 -12.13
C PRO B 462 -6.82 -2.64 -12.08
N TYR B 463 -8.04 -2.62 -12.61
CA TYR B 463 -8.86 -3.83 -12.61
C TYR B 463 -9.05 -4.22 -14.07
N ASN B 464 -8.26 -5.19 -14.53
CA ASN B 464 -8.31 -5.66 -15.92
C ASN B 464 -9.63 -6.28 -16.29
N ALA B 465 -9.73 -6.62 -17.57
CA ALA B 465 -10.87 -7.32 -18.06
C ALA B 465 -10.35 -8.73 -17.77
N HIS B 466 -11.18 -9.61 -17.23
CA HIS B 466 -10.75 -10.97 -16.95
C HIS B 466 -11.52 -11.91 -17.86
N THR B 467 -12.77 -12.17 -17.49
CA THR B 467 -13.57 -13.02 -18.34
C THR B 467 -13.72 -12.28 -19.66
N THR B 468 -13.85 -10.96 -19.59
CA THR B 468 -14.02 -10.14 -20.80
C THR B 468 -12.79 -10.17 -21.70
N ALA B 469 -11.61 -10.29 -21.10
CA ALA B 469 -10.37 -10.33 -21.86
C ALA B 469 -10.29 -11.62 -22.66
N SER B 470 -10.69 -12.73 -22.06
CA SER B 470 -10.63 -14.01 -22.76
C SER B 470 -11.81 -14.15 -23.72
N ASP B 471 -12.87 -13.38 -23.53
CA ASP B 471 -14.01 -13.46 -24.44
C ASP B 471 -13.48 -12.91 -25.76
N ALA B 472 -12.81 -11.76 -25.66
CA ALA B 472 -12.25 -11.06 -26.81
C ALA B 472 -11.21 -11.88 -27.55
N LEU B 473 -10.24 -12.41 -26.81
CA LEU B 473 -9.19 -13.24 -27.39
C LEU B 473 -9.77 -14.48 -28.09
N TRP B 474 -10.73 -15.14 -27.46
CA TRP B 474 -11.32 -16.32 -28.08
C TRP B 474 -11.90 -15.97 -29.44
N THR B 475 -12.39 -14.74 -29.57
CA THR B 475 -12.98 -14.25 -30.80
C THR B 475 -11.91 -13.90 -31.83
N GLY B 476 -10.71 -13.62 -31.35
CA GLY B 476 -9.63 -13.27 -32.24
C GLY B 476 -9.30 -11.79 -32.18
N CYS B 477 -9.94 -11.07 -31.27
CA CYS B 477 -9.67 -9.65 -31.13
C CYS B 477 -8.48 -9.46 -30.20
N PRO B 478 -7.43 -8.77 -30.65
CA PRO B 478 -6.27 -8.57 -29.76
C PRO B 478 -6.58 -7.63 -28.59
N VAL B 479 -5.94 -7.88 -27.44
CA VAL B 479 -6.14 -7.06 -26.24
C VAL B 479 -4.83 -6.36 -25.88
N LEU B 480 -4.91 -5.05 -25.65
CA LEU B 480 -3.73 -4.28 -25.26
C LEU B 480 -3.85 -4.02 -23.76
N THR B 481 -2.78 -4.27 -23.01
CA THR B 481 -2.86 -4.10 -21.56
C THR B 481 -1.55 -3.59 -20.96
N THR B 482 -1.63 -3.09 -19.74
CA THR B 482 -0.46 -2.60 -19.02
C THR B 482 -0.37 -3.35 -17.71
N PRO B 483 0.17 -4.58 -17.74
CA PRO B 483 0.33 -5.45 -16.56
C PRO B 483 0.83 -4.68 -15.37
N GLY B 484 0.03 -4.66 -14.31
CA GLY B 484 0.40 -3.92 -13.11
C GLY B 484 1.09 -4.72 -12.03
N GLU B 485 0.92 -4.31 -10.78
CA GLU B 485 1.56 -5.00 -9.66
C GLU B 485 0.61 -5.59 -8.63
N THR B 486 -0.53 -6.07 -9.10
CA THR B 486 -1.53 -6.73 -8.26
C THR B 486 -2.12 -7.74 -9.20
N PHE B 487 -2.51 -8.90 -8.67
CA PHE B 487 -3.08 -9.94 -9.51
C PHE B 487 -4.11 -9.36 -10.47
N ALA B 488 -5.16 -8.74 -9.91
CA ALA B 488 -6.22 -8.18 -10.70
C ALA B 488 -5.76 -7.25 -11.82
N ALA B 489 -4.54 -6.73 -11.71
CA ALA B 489 -4.04 -5.83 -12.74
C ALA B 489 -3.15 -6.55 -13.73
N ARG B 490 -3.11 -7.88 -13.64
CA ARG B 490 -2.25 -8.69 -14.51
C ARG B 490 -2.92 -9.90 -15.18
N VAL B 491 -4.25 -9.97 -15.12
CA VAL B 491 -4.96 -11.09 -15.72
C VAL B 491 -4.93 -11.04 -17.25
N ALA B 492 -5.16 -9.86 -17.82
CA ALA B 492 -5.13 -9.72 -19.27
C ALA B 492 -3.70 -9.96 -19.73
N GLY B 493 -2.75 -9.54 -18.90
CA GLY B 493 -1.36 -9.76 -19.25
C GLY B 493 -1.02 -11.23 -19.28
N SER B 494 -1.58 -12.01 -18.35
CA SER B 494 -1.31 -13.45 -18.29
C SER B 494 -1.85 -14.13 -19.53
N LEU B 495 -3.03 -13.71 -20.00
CA LEU B 495 -3.56 -14.32 -21.20
C LEU B 495 -2.62 -14.00 -22.37
N ASN B 496 -2.23 -12.73 -22.51
CA ASN B 496 -1.35 -12.32 -23.61
C ASN B 496 -0.04 -13.10 -23.55
N HIS B 497 0.58 -13.11 -22.38
CA HIS B 497 1.82 -13.83 -22.18
C HIS B 497 1.71 -15.31 -22.60
N HIS B 498 0.75 -16.03 -22.02
CA HIS B 498 0.58 -17.44 -22.35
C HIS B 498 0.09 -17.71 -23.77
N LEU B 499 -0.42 -16.68 -24.44
CA LEU B 499 -0.87 -16.85 -25.80
C LEU B 499 0.35 -16.69 -26.69
N GLY B 500 1.26 -15.81 -26.27
CA GLY B 500 2.48 -15.54 -27.00
C GLY B 500 2.54 -14.12 -27.54
N LEU B 501 1.55 -13.31 -27.17
CA LEU B 501 1.46 -11.92 -27.63
C LEU B 501 2.07 -10.93 -26.64
N ASP B 502 3.32 -11.14 -26.26
CA ASP B 502 3.99 -10.26 -25.31
C ASP B 502 4.07 -8.80 -25.75
N GLU B 503 4.00 -8.56 -27.05
CA GLU B 503 4.06 -7.20 -27.55
C GLU B 503 2.85 -6.38 -27.16
N MET B 504 1.77 -7.07 -26.77
CA MET B 504 0.53 -6.39 -26.36
C MET B 504 0.53 -6.04 -24.86
N ASN B 505 1.59 -6.46 -24.15
CA ASN B 505 1.75 -6.16 -22.74
C ASN B 505 2.75 -5.03 -22.63
N VAL B 506 2.29 -3.79 -22.72
CA VAL B 506 3.18 -2.63 -22.67
C VAL B 506 3.51 -2.15 -21.26
N ALA B 507 4.43 -1.19 -21.17
CA ALA B 507 4.91 -0.71 -19.88
C ALA B 507 4.15 0.38 -19.13
N ASP B 508 3.39 1.20 -19.83
CA ASP B 508 2.65 2.28 -19.16
C ASP B 508 1.71 3.01 -20.11
N ASP B 509 1.01 4.01 -19.58
CA ASP B 509 0.06 4.77 -20.37
C ASP B 509 0.65 5.34 -21.66
N ALA B 510 1.80 6.00 -21.57
CA ALA B 510 2.45 6.57 -22.75
C ALA B 510 2.65 5.48 -23.81
N ALA B 511 3.18 4.34 -23.37
CA ALA B 511 3.43 3.20 -24.24
C ALA B 511 2.13 2.58 -24.71
N PHE B 512 1.11 2.69 -23.86
CA PHE B 512 -0.21 2.14 -24.17
C PHE B 512 -0.78 2.93 -25.34
N VAL B 513 -0.79 4.26 -25.21
CA VAL B 513 -1.32 5.12 -26.26
C VAL B 513 -0.50 4.95 -27.54
N ALA B 514 0.82 4.82 -27.38
CA ALA B 514 1.73 4.64 -28.49
C ALA B 514 1.35 3.41 -29.33
N LYS B 515 1.37 2.25 -28.70
CA LYS B 515 1.06 0.99 -29.38
C LYS B 515 -0.31 1.02 -30.04
N ALA B 516 -1.28 1.64 -29.37
CA ALA B 516 -2.63 1.72 -29.90
C ALA B 516 -2.65 2.56 -31.18
N VAL B 517 -2.04 3.74 -31.10
CA VAL B 517 -1.95 4.66 -32.23
C VAL B 517 -1.16 4.05 -33.39
N ALA B 518 -0.13 3.27 -33.07
CA ALA B 518 0.68 2.62 -34.10
C ALA B 518 -0.17 1.60 -34.84
N LEU B 519 -0.78 0.71 -34.06
CA LEU B 519 -1.63 -0.36 -34.59
C LEU B 519 -2.84 0.23 -35.30
N ALA B 520 -3.37 1.33 -34.76
CA ALA B 520 -4.55 1.99 -35.32
C ALA B 520 -4.27 2.73 -36.63
N SER B 521 -3.09 3.35 -36.70
CA SER B 521 -2.68 4.12 -37.88
C SER B 521 -2.33 3.26 -39.09
N ASP B 522 -1.80 2.07 -38.84
CA ASP B 522 -1.39 1.17 -39.91
C ASP B 522 -2.32 -0.05 -40.01
N PRO B 523 -3.30 -0.01 -40.93
CA PRO B 523 -4.22 -1.16 -41.07
C PRO B 523 -3.56 -2.45 -41.55
N ALA B 524 -2.38 -2.35 -42.15
CA ALA B 524 -1.67 -3.53 -42.60
C ALA B 524 -1.22 -4.26 -41.34
N ALA B 525 -0.81 -3.48 -40.34
CA ALA B 525 -0.34 -4.01 -39.06
C ALA B 525 -1.48 -4.63 -38.25
N LEU B 526 -2.61 -3.92 -38.17
CA LEU B 526 -3.77 -4.42 -37.44
C LEU B 526 -4.14 -5.79 -38.02
N THR B 527 -4.30 -5.82 -39.34
CA THR B 527 -4.67 -7.05 -40.03
C THR B 527 -3.62 -8.13 -39.73
N ALA B 528 -2.37 -7.71 -39.64
CA ALA B 528 -1.28 -8.64 -39.37
C ALA B 528 -1.40 -9.21 -37.95
N LEU B 529 -1.80 -8.35 -37.02
CA LEU B 529 -1.97 -8.72 -35.62
C LEU B 529 -3.15 -9.68 -35.46
N HIS B 530 -4.21 -9.48 -36.22
CA HIS B 530 -5.36 -10.36 -36.11
C HIS B 530 -5.00 -11.75 -36.60
N ALA B 531 -4.25 -11.80 -37.71
CA ALA B 531 -3.83 -13.07 -38.28
C ALA B 531 -2.90 -13.80 -37.31
N ARG B 532 -2.16 -13.02 -36.53
CA ARG B 532 -1.20 -13.57 -35.58
C ARG B 532 -1.91 -14.13 -34.35
N VAL B 533 -2.98 -13.48 -33.94
CA VAL B 533 -3.72 -13.95 -32.79
C VAL B 533 -4.36 -15.27 -33.17
N ASP B 534 -4.92 -15.32 -34.38
CA ASP B 534 -5.57 -16.54 -34.87
C ASP B 534 -4.65 -17.75 -34.89
N VAL B 535 -3.35 -17.52 -35.08
CA VAL B 535 -2.40 -18.62 -35.10
C VAL B 535 -2.08 -19.05 -33.67
N LEU B 536 -1.62 -18.10 -32.86
CA LEU B 536 -1.27 -18.38 -31.47
C LEU B 536 -2.46 -19.01 -30.72
N ARG B 537 -3.66 -18.62 -31.13
CA ARG B 537 -4.89 -19.13 -30.53
C ARG B 537 -4.94 -20.65 -30.67
N ARG B 538 -4.63 -21.13 -31.87
CA ARG B 538 -4.64 -22.56 -32.15
C ARG B 538 -3.34 -23.26 -31.72
N ALA B 539 -2.24 -22.52 -31.69
CA ALA B 539 -0.96 -23.10 -31.33
C ALA B 539 -0.67 -23.11 -29.82
N SER B 540 -1.24 -22.15 -29.10
CA SER B 540 -1.01 -22.03 -27.67
C SER B 540 -1.92 -22.88 -26.79
N GLY B 541 -1.45 -23.16 -25.57
CA GLY B 541 -2.25 -23.97 -24.66
C GLY B 541 -3.48 -23.28 -24.10
N VAL B 542 -3.44 -21.95 -24.03
CA VAL B 542 -4.54 -21.17 -23.48
C VAL B 542 -5.96 -21.61 -23.78
N PHE B 543 -6.21 -22.12 -24.98
CA PHE B 543 -7.57 -22.57 -25.31
C PHE B 543 -7.67 -24.07 -25.56
N HIS B 544 -6.78 -24.82 -24.93
CA HIS B 544 -6.76 -26.27 -25.05
C HIS B 544 -7.23 -26.86 -23.72
N MET B 545 -8.55 -26.91 -23.53
CA MET B 545 -9.11 -27.40 -22.27
C MET B 545 -8.79 -28.83 -21.93
N ASP B 546 -8.45 -29.65 -22.93
CA ASP B 546 -8.10 -31.03 -22.66
C ASP B 546 -6.78 -31.04 -21.90
N GLY B 547 -5.85 -30.20 -22.34
CA GLY B 547 -4.55 -30.09 -21.68
C GLY B 547 -4.72 -29.50 -20.28
N PHE B 548 -5.63 -28.54 -20.17
CA PHE B 548 -5.94 -27.88 -18.89
C PHE B 548 -6.47 -28.92 -17.92
N ALA B 549 -7.44 -29.73 -18.38
CA ALA B 549 -8.02 -30.76 -17.53
C ALA B 549 -6.97 -31.69 -16.95
N ASP B 550 -5.92 -31.96 -17.73
CA ASP B 550 -4.87 -32.84 -17.27
C ASP B 550 -3.96 -32.17 -16.26
N ASP B 551 -3.50 -30.98 -16.60
CA ASP B 551 -2.64 -30.25 -15.70
C ASP B 551 -3.39 -30.07 -14.39
N PHE B 552 -4.62 -29.55 -14.50
CA PHE B 552 -5.46 -29.30 -13.34
C PHE B 552 -5.66 -30.59 -12.52
N GLY B 553 -6.00 -31.69 -13.19
CA GLY B 553 -6.19 -32.95 -12.49
C GLY B 553 -4.91 -33.40 -11.81
N ALA B 554 -3.81 -33.28 -12.54
CA ALA B 554 -2.50 -33.65 -12.03
C ALA B 554 -2.25 -32.86 -10.75
N LEU B 555 -2.60 -31.57 -10.80
CA LEU B 555 -2.40 -30.73 -9.63
C LEU B 555 -3.26 -31.16 -8.47
N LEU B 556 -4.50 -31.55 -8.75
CA LEU B 556 -5.42 -31.98 -7.69
C LEU B 556 -4.94 -33.24 -6.97
N GLN B 557 -4.36 -34.18 -7.73
CA GLN B 557 -3.88 -35.42 -7.16
C GLN B 557 -2.62 -35.18 -6.35
N ALA B 558 -1.71 -34.36 -6.89
CA ALA B 558 -0.48 -34.04 -6.17
C ALA B 558 -0.87 -33.37 -4.87
N LEU B 559 -1.81 -32.44 -4.95
CA LEU B 559 -2.28 -31.70 -3.80
C LEU B 559 -2.85 -32.66 -2.76
N ALA B 560 -3.64 -33.63 -3.23
CA ALA B 560 -4.25 -34.61 -2.35
C ALA B 560 -3.18 -35.48 -1.69
N ARG B 561 -2.23 -35.96 -2.49
CA ARG B 561 -1.17 -36.80 -1.98
C ARG B 561 -0.38 -36.07 -0.90
N ARG B 562 -0.31 -34.75 -1.01
CA ARG B 562 0.42 -33.95 -0.06
C ARG B 562 -0.32 -33.87 1.28
N HIS B 563 -1.57 -34.34 1.30
CA HIS B 563 -2.36 -34.29 2.51
C HIS B 563 -2.86 -35.65 2.98
N GLY B 564 -2.14 -36.71 2.59
CA GLY B 564 -2.52 -38.04 3.02
C GLY B 564 -3.06 -39.02 1.99
N TRP B 565 -3.58 -38.50 0.89
CA TRP B 565 -4.13 -39.38 -0.13
C TRP B 565 -3.06 -40.35 -0.63
N LEU B 566 -3.46 -41.58 -0.90
CA LEU B 566 -2.52 -42.58 -1.38
C LEU B 566 -2.84 -43.06 -2.80
N GLY B 567 -4.04 -42.75 -3.29
CA GLY B 567 -4.43 -43.16 -4.64
C GLY B 567 -5.67 -44.05 -4.70
N ILE B 568 -5.77 -44.84 -5.79
CA ILE B 568 -6.88 -45.77 -6.01
C ILE B 568 -8.20 -45.04 -6.20
N1 UDP C . 26.31 14.66 8.10
C2 UDP C . 27.51 15.14 8.55
N3 UDP C . 28.67 14.81 7.91
C4 UDP C . 28.65 14.01 6.80
C5 UDP C . 27.44 13.52 6.35
C6 UDP C . 26.28 13.84 7.00
O2 UDP C . 27.52 15.84 9.54
O4 UDP C . 29.69 13.71 6.23
C1' UDP C . 25.10 15.01 8.84
C2' UDP C . 23.98 15.66 8.08
O2' UDP C . 24.13 17.06 8.22
C3' UDP C . 22.85 15.29 8.98
C4' UDP C . 23.20 13.88 9.38
O4' UDP C . 24.56 13.73 9.12
O3' UDP C . 22.99 16.10 10.12
C5' UDP C . 22.47 13.04 8.38
O5' UDP C . 21.40 12.39 8.99
PA UDP C . 20.32 11.71 8.18
O1A UDP C . 19.88 10.58 9.12
O2A UDP C . 20.74 11.21 6.90
O3A UDP C . 19.17 12.75 8.25
PB UDP C . 18.14 13.26 7.18
O1B UDP C . 17.11 12.16 6.99
O2B UDP C . 18.82 13.44 5.83
O3B UDP C . 17.54 14.46 7.67
N1 UDP D . -21.27 -10.25 -20.86
C2 UDP D . -22.35 -10.63 -21.61
N3 UDP D . -23.04 -9.70 -22.36
C4 UDP D . -22.65 -8.39 -22.33
C5 UDP D . -21.57 -8.00 -21.57
C6 UDP D . -20.89 -8.93 -20.82
O2 UDP D . -22.69 -11.80 -21.63
O4 UDP D . -23.26 -7.57 -22.99
C1' UDP D . -20.57 -11.24 -20.05
C2' UDP D . -19.13 -11.54 -20.36
O2' UDP D . -19.07 -12.75 -21.10
C3' UDP D . -18.63 -11.88 -18.98
C4' UDP D . -19.50 -11.06 -18.06
O4' UDP D . -20.46 -10.46 -18.89
O3' UDP D . -18.96 -13.22 -18.77
C5' UDP D . -18.67 -9.91 -17.52
O5' UDP D . -18.34 -10.13 -16.19
PA UDP D . -17.40 -9.17 -15.44
O1A UDP D . -18.17 -8.79 -14.17
O2A UDP D . -17.01 -7.99 -16.19
O3A UDP D . -16.24 -10.05 -14.90
PB UDP D . -14.80 -10.12 -15.47
O1B UDP D . -13.96 -9.19 -14.57
O2B UDP D . -14.79 -9.48 -16.82
O3B UDP D . -14.34 -11.48 -15.49
#